data_8IXH
#
_entry.id   8IXH
#
_cell.length_a   192.206
_cell.length_b   47.916
_cell.length_c   129.233
_cell.angle_alpha   90.00
_cell.angle_beta   129.68
_cell.angle_gamma   90.00
#
_symmetry.space_group_name_H-M   'C 1 2 1'
#
loop_
_entity.id
_entity.type
_entity.pdbx_description
1 polymer '2-dehydropantoate 2-reductase'
2 non-polymer '(3S)-3-methyl-2-oxopentanoic acid'
3 non-polymer GLYCEROL
4 water water
#
_entity_poly.entity_id   1
_entity_poly.type   'polypeptide(L)'
_entity_poly.pdbx_seq_one_letter_code
;MDSKQQRIGVIGTGAIGGFYGLMLAHAGHDVHFLLRSEFEAVNRAGLSLNSAVHGFRRLAPVQAYHSAQDMPPCDWLLVG
AKTTGNHELAPLIRAAAAPGAKVLLLQNGLGVEERLRPLLPESLHLLGGLCFICVHRGEPGVIEHQAYGGVNLGYHSGPA
DERRRREIVEEGAALFRESGLESTAMPDLEQARWQKLVWNIPYNGLSVLLKSSTAPLMANADSRSLIEAIMEEVIGAAGA
CGFILPEGYADQLLAATERMPDYRPSMYHDFAHGRPLELAAIYAAPLARAAAAGYRMPRVEALHQALRFLEAQPR
;
_entity_poly.pdbx_strand_id   A,B,C
#
# COMPACT_ATOMS: atom_id res chain seq x y z
N GLN A 5 30.01 13.21 23.19
CA GLN A 5 30.94 12.30 22.57
C GLN A 5 31.46 11.26 23.55
N GLN A 6 31.21 9.99 23.25
CA GLN A 6 31.69 8.88 24.05
C GLN A 6 32.97 8.32 23.44
N ARG A 7 33.83 7.77 24.29
CA ARG A 7 34.96 6.99 23.82
C ARG A 7 34.55 5.52 23.76
N ILE A 8 34.54 4.96 22.56
CA ILE A 8 34.03 3.62 22.30
C ILE A 8 35.21 2.72 22.00
N GLY A 9 35.27 1.58 22.68
CA GLY A 9 36.21 0.53 22.36
C GLY A 9 35.46 -0.61 21.70
N VAL A 10 36.04 -1.16 20.65
CA VAL A 10 35.50 -2.33 19.97
C VAL A 10 36.46 -3.48 20.25
N ILE A 11 35.99 -4.47 21.01
CA ILE A 11 36.79 -5.63 21.38
C ILE A 11 36.33 -6.78 20.49
N GLY A 12 37.13 -7.11 19.49
CA GLY A 12 36.72 -8.09 18.49
C GLY A 12 36.08 -7.39 17.30
N THR A 13 36.90 -7.06 16.31
CA THR A 13 36.44 -6.29 15.16
C THR A 13 36.31 -7.20 13.94
N GLY A 14 35.27 -8.02 13.96
CA GLY A 14 34.87 -8.80 12.82
C GLY A 14 33.87 -8.02 12.01
N ALA A 15 32.97 -8.76 11.34
CA ALA A 15 31.90 -8.10 10.60
C ALA A 15 31.03 -7.24 11.54
N ILE A 16 30.67 -7.79 12.70
CA ILE A 16 29.73 -7.12 13.59
C ILE A 16 30.39 -5.91 14.26
N GLY A 17 31.55 -6.12 14.89
CA GLY A 17 32.24 -5.02 15.54
C GLY A 17 32.68 -3.96 14.54
N GLY A 18 33.18 -4.37 13.38
CA GLY A 18 33.53 -3.42 12.35
C GLY A 18 32.35 -2.55 11.94
N PHE A 19 31.20 -3.18 11.72
CA PHE A 19 30.04 -2.42 11.23
C PHE A 19 29.60 -1.38 12.25
N TYR A 20 29.31 -1.82 13.47
CA TYR A 20 28.74 -0.90 14.46
C TYR A 20 29.78 0.13 14.92
N GLY A 21 31.04 -0.28 15.03
CA GLY A 21 32.09 0.68 15.35
C GLY A 21 32.26 1.74 14.28
N LEU A 22 32.27 1.33 13.01
CA LEU A 22 32.38 2.31 11.94
C LEU A 22 31.18 3.24 11.91
N MET A 23 29.98 2.69 12.07
CA MET A 23 28.78 3.53 12.07
C MET A 23 28.84 4.56 13.19
N LEU A 24 29.26 4.15 14.39
CA LEU A 24 29.40 5.08 15.50
C LEU A 24 30.46 6.13 15.20
N ALA A 25 31.60 5.70 14.66
CA ALA A 25 32.67 6.65 14.34
C ALA A 25 32.20 7.67 13.31
N HIS A 26 31.44 7.22 12.32
CA HIS A 26 30.92 8.14 11.31
C HIS A 26 29.91 9.12 11.88
N ALA A 27 29.29 8.80 13.00
CA ALA A 27 28.41 9.74 13.69
C ALA A 27 29.18 10.69 14.59
N GLY A 28 30.50 10.67 14.54
CA GLY A 28 31.31 11.58 15.34
C GLY A 28 31.85 11.02 16.63
N HIS A 29 31.66 9.73 16.89
CA HIS A 29 32.17 9.18 18.13
C HIS A 29 33.66 8.86 18.01
N ASP A 30 34.31 8.78 19.16
CA ASP A 30 35.74 8.49 19.25
C ASP A 30 35.88 6.98 19.46
N VAL A 31 36.15 6.25 18.39
CA VAL A 31 36.08 4.80 18.39
C VAL A 31 37.48 4.22 18.24
N HIS A 32 37.82 3.29 19.13
CA HIS A 32 39.11 2.63 19.14
C HIS A 32 38.90 1.13 18.95
N PHE A 33 39.56 0.57 17.95
CA PHE A 33 39.32 -0.80 17.51
C PHE A 33 40.47 -1.69 17.96
N LEU A 34 40.12 -2.81 18.59
CA LEU A 34 41.10 -3.85 18.91
C LEU A 34 41.05 -4.92 17.82
N LEU A 35 42.17 -5.10 17.12
CA LEU A 35 42.27 -6.04 16.01
C LEU A 35 43.11 -7.25 16.43
N ARG A 36 42.51 -8.43 16.36
CA ARG A 36 43.19 -9.71 16.50
C ARG A 36 43.53 -10.33 15.17
N SER A 37 42.74 -10.01 14.17
CA SER A 37 42.89 -10.43 12.79
C SER A 37 42.82 -9.17 11.94
N GLU A 38 43.62 -9.12 10.87
CA GLU A 38 43.62 -8.02 9.91
C GLU A 38 44.06 -6.70 10.55
N PHE A 39 44.93 -6.72 11.56
CA PHE A 39 45.34 -5.45 12.18
C PHE A 39 46.11 -4.58 11.20
N GLU A 40 47.10 -5.15 10.54
CA GLU A 40 47.96 -4.35 9.67
C GLU A 40 47.26 -4.00 8.35
N ALA A 41 46.42 -4.90 7.84
CA ALA A 41 45.59 -4.54 6.69
C ALA A 41 44.66 -3.39 7.01
N VAL A 42 44.03 -3.42 8.19
CA VAL A 42 43.10 -2.37 8.56
C VAL A 42 43.85 -1.08 8.91
N ASN A 43 44.98 -1.18 9.63
CA ASN A 43 45.68 0.05 9.98
C ASN A 43 46.31 0.69 8.75
N ARG A 44 46.66 -0.13 7.76
CA ARG A 44 47.02 0.32 6.41
C ARG A 44 45.92 0.99 5.65
N ALA A 45 45.02 0.15 5.15
CA ALA A 45 43.99 0.56 4.23
C ALA A 45 42.79 1.19 4.93
N GLY A 46 42.62 0.94 6.22
CA GLY A 46 41.43 1.45 6.90
C GLY A 46 40.30 0.43 6.89
N LEU A 47 39.12 0.95 7.20
CA LEU A 47 37.90 0.15 7.30
C LEU A 47 36.91 0.65 6.27
N SER A 48 36.43 -0.25 5.40
CA SER A 48 35.50 0.09 4.34
C SER A 48 34.20 -0.69 4.51
N LEU A 49 33.11 -0.06 4.09
CA LEU A 49 31.77 -0.63 4.22
C LEU A 49 31.04 -0.47 2.90
N ASN A 50 30.64 -1.59 2.30
CA ASN A 50 29.67 -1.59 1.22
C ASN A 50 28.33 -1.97 1.85
N SER A 51 27.35 -1.07 1.77
CA SER A 51 26.09 -1.30 2.46
C SER A 51 24.93 -0.93 1.56
N ALA A 52 24.00 -1.88 1.39
CA ALA A 52 22.78 -1.63 0.63
C ALA A 52 21.80 -0.74 1.38
N VAL A 53 22.03 -0.48 2.65
CA VAL A 53 21.22 0.43 3.44
C VAL A 53 21.84 1.82 3.54
N HIS A 54 23.13 1.88 3.88
CA HIS A 54 23.78 3.15 4.16
C HIS A 54 24.73 3.62 3.06
N GLY A 55 24.88 2.88 1.97
CA GLY A 55 25.84 3.23 0.97
C GLY A 55 27.27 2.93 1.44
N PHE A 56 28.22 3.38 0.63
CA PHE A 56 29.63 3.13 0.92
C PHE A 56 30.13 4.09 1.99
N ARG A 57 30.86 3.55 2.97
CA ARG A 57 31.48 4.34 4.01
C ARG A 57 32.90 3.85 4.22
N ARG A 58 33.80 4.76 4.57
CA ARG A 58 35.18 4.41 4.83
C ARG A 58 35.67 5.11 6.09
N LEU A 59 36.44 4.38 6.90
CA LEU A 59 37.11 4.93 8.07
C LEU A 59 38.60 4.82 7.83
N ALA A 60 39.26 5.97 7.66
CA ALA A 60 40.69 5.99 7.36
C ALA A 60 41.27 7.36 7.70
N PRO A 61 42.25 7.44 8.60
CA PRO A 61 42.84 6.29 9.29
C PRO A 61 41.96 5.81 10.43
N VAL A 62 42.13 4.56 10.82
CA VAL A 62 41.38 3.99 11.94
C VAL A 62 42.29 3.97 13.16
N GLN A 63 41.71 4.25 14.32
CA GLN A 63 42.41 4.10 15.59
C GLN A 63 42.42 2.61 15.92
N ALA A 64 43.50 1.95 15.49
CA ALA A 64 43.62 0.50 15.52
C ALA A 64 44.65 0.09 16.55
N TYR A 65 44.45 -1.09 17.14
CA TYR A 65 45.34 -1.63 18.15
C TYR A 65 45.42 -3.13 18.00
N HIS A 66 46.60 -3.69 18.27
CA HIS A 66 46.78 -5.13 18.33
C HIS A 66 46.69 -5.68 19.74
N SER A 67 46.72 -4.81 20.75
CA SER A 67 46.76 -5.25 22.14
C SER A 67 45.88 -4.35 22.98
N ALA A 68 45.06 -4.96 23.85
CA ALA A 68 44.11 -4.18 24.64
C ALA A 68 44.81 -3.25 25.62
N GLN A 69 46.05 -3.58 26.02
CA GLN A 69 46.79 -2.76 26.97
C GLN A 69 47.12 -1.38 26.38
N ASP A 70 47.24 -1.29 25.06
CA ASP A 70 47.53 -0.02 24.41
C ASP A 70 46.29 0.87 24.25
N MET A 71 45.10 0.31 24.45
CA MET A 71 43.90 1.10 24.25
C MET A 71 43.71 2.10 25.38
N PRO A 72 43.17 3.27 25.08
CA PRO A 72 42.81 4.21 26.12
C PRO A 72 41.57 3.72 26.85
N PRO A 73 41.30 4.20 28.06
CA PRO A 73 40.08 3.79 28.76
C PRO A 73 38.83 4.24 28.00
N CYS A 74 37.90 3.31 27.81
CA CYS A 74 36.71 3.56 27.02
C CYS A 74 35.47 3.55 27.91
N ASP A 75 34.51 4.41 27.59
CA ASP A 75 33.26 4.49 28.35
C ASP A 75 32.26 3.41 27.92
N TRP A 76 32.26 3.06 26.65
CA TRP A 76 31.47 1.94 26.13
C TRP A 76 32.42 0.97 25.45
N LEU A 77 32.22 -0.32 25.71
CA LEU A 77 32.97 -1.39 25.04
C LEU A 77 31.97 -2.25 24.28
N LEU A 78 32.09 -2.24 22.95
CA LEU A 78 31.25 -3.06 22.09
C LEU A 78 32.02 -4.34 21.79
N VAL A 79 31.44 -5.49 22.15
CA VAL A 79 32.07 -6.78 21.94
C VAL A 79 31.43 -7.43 20.73
N GLY A 80 32.21 -7.56 19.66
CA GLY A 80 31.70 -8.11 18.41
C GLY A 80 32.32 -9.45 18.07
N ALA A 81 33.14 -9.99 18.96
CA ALA A 81 33.69 -11.32 18.74
C ALA A 81 32.58 -12.37 18.81
N LYS A 82 32.89 -13.55 18.29
CA LYS A 82 32.01 -14.69 18.48
C LYS A 82 31.98 -15.07 19.94
N THR A 83 30.92 -15.80 20.32
CA THR A 83 30.79 -16.23 21.71
C THR A 83 31.84 -17.27 22.09
N THR A 84 32.53 -17.85 21.10
CA THR A 84 33.49 -18.91 21.39
C THR A 84 34.71 -18.40 22.15
N GLY A 85 35.03 -17.11 22.03
CA GLY A 85 36.24 -16.60 22.66
C GLY A 85 36.01 -15.74 23.88
N ASN A 86 34.79 -15.82 24.45
CA ASN A 86 34.40 -14.85 25.49
C ASN A 86 35.25 -15.00 26.75
N HIS A 87 35.60 -16.23 27.12
CA HIS A 87 36.47 -16.42 28.28
C HIS A 87 37.78 -15.66 28.12
N GLU A 88 38.45 -15.87 26.98
CA GLU A 88 39.71 -15.19 26.69
C GLU A 88 39.52 -13.68 26.50
N LEU A 89 38.29 -13.23 26.32
CA LEU A 89 38.01 -11.81 26.07
C LEU A 89 38.02 -10.98 27.34
N ALA A 90 37.70 -11.58 28.48
CA ALA A 90 37.53 -10.83 29.73
C ALA A 90 38.74 -9.98 30.11
N PRO A 91 39.98 -10.48 30.09
CA PRO A 91 41.10 -9.59 30.43
C PRO A 91 41.25 -8.42 29.47
N LEU A 92 40.90 -8.61 28.20
CA LEU A 92 40.96 -7.50 27.25
C LEU A 92 39.91 -6.45 27.58
N ILE A 93 38.72 -6.89 28.01
CA ILE A 93 37.66 -5.95 28.39
C ILE A 93 38.07 -5.17 29.64
N ARG A 94 38.55 -5.87 30.67
CA ARG A 94 38.98 -5.20 31.89
C ARG A 94 40.08 -4.16 31.60
N ALA A 95 41.00 -4.50 30.70
CA ALA A 95 42.11 -3.61 30.41
C ALA A 95 41.63 -2.33 29.72
N ALA A 96 40.66 -2.44 28.82
CA ALA A 96 40.22 -1.30 28.04
C ALA A 96 39.09 -0.50 28.71
N ALA A 97 38.59 -0.96 29.86
CA ALA A 97 37.43 -0.35 30.47
C ALA A 97 37.82 0.84 31.34
N ALA A 98 37.20 1.99 31.07
CA ALA A 98 37.23 3.09 32.01
C ALA A 98 36.42 2.71 33.26
N PRO A 99 36.60 3.42 34.37
CA PRO A 99 35.78 3.11 35.55
C PRO A 99 34.30 3.26 35.24
N GLY A 100 33.53 2.25 35.65
CA GLY A 100 32.09 2.25 35.39
C GLY A 100 31.71 2.17 33.93
N ALA A 101 32.60 1.66 33.07
CA ALA A 101 32.30 1.51 31.66
C ALA A 101 31.13 0.56 31.45
N LYS A 102 30.46 0.72 30.31
CA LYS A 102 29.37 -0.15 29.89
C LYS A 102 29.90 -1.15 28.88
N VAL A 103 29.65 -2.44 29.12
CA VAL A 103 30.07 -3.51 28.23
C VAL A 103 28.83 -4.03 27.52
N LEU A 104 28.83 -3.97 26.20
CA LEU A 104 27.68 -4.35 25.38
C LEU A 104 28.07 -5.52 24.50
N LEU A 105 27.45 -6.67 24.73
CA LEU A 105 27.76 -7.90 23.98
C LEU A 105 26.88 -7.95 22.74
N LEU A 106 27.45 -7.58 21.60
CA LEU A 106 26.76 -7.68 20.31
C LEU A 106 26.91 -9.10 19.80
N GLN A 107 26.26 -10.02 20.51
CA GLN A 107 26.47 -11.45 20.30
C GLN A 107 25.14 -12.18 20.38
N ASN A 108 25.09 -13.33 19.71
CA ASN A 108 23.89 -14.14 19.68
C ASN A 108 23.99 -15.26 20.71
N GLY A 109 22.96 -16.09 20.77
CA GLY A 109 22.90 -17.17 21.74
C GLY A 109 22.15 -16.79 23.00
N LEU A 110 22.27 -17.67 24.00
CA LEU A 110 21.61 -17.52 25.28
C LEU A 110 22.61 -17.68 26.42
N GLY A 111 22.40 -16.93 27.50
CA GLY A 111 23.26 -17.03 28.68
C GLY A 111 24.62 -16.40 28.53
N VAL A 112 24.83 -15.59 27.50
CA VAL A 112 26.16 -15.06 27.20
C VAL A 112 26.64 -14.15 28.32
N GLU A 113 25.82 -13.17 28.71
CA GLU A 113 26.23 -12.25 29.77
C GLU A 113 26.45 -12.99 31.09
N GLU A 114 25.59 -13.97 31.40
CA GLU A 114 25.74 -14.71 32.66
C GLU A 114 27.09 -15.42 32.73
N ARG A 115 27.56 -15.96 31.61
CA ARG A 115 28.83 -16.66 31.62
C ARG A 115 30.02 -15.70 31.63
N LEU A 116 29.83 -14.44 31.21
CA LEU A 116 30.93 -13.49 31.22
C LEU A 116 31.00 -12.71 32.53
N ARG A 117 29.86 -12.47 33.17
CA ARG A 117 29.80 -11.71 34.41
C ARG A 117 30.82 -12.14 35.47
N PRO A 118 31.06 -13.44 35.74
CA PRO A 118 32.04 -13.78 36.78
C PRO A 118 33.43 -13.26 36.48
N LEU A 119 33.73 -12.90 35.23
CA LEU A 119 35.05 -12.43 34.83
C LEU A 119 35.15 -10.92 34.70
N LEU A 120 34.08 -10.19 35.03
CA LEU A 120 34.09 -8.74 34.93
C LEU A 120 33.83 -8.10 36.28
N PRO A 121 34.54 -7.02 36.61
CA PRO A 121 34.26 -6.33 37.88
C PRO A 121 32.79 -5.94 37.98
N GLU A 122 32.24 -6.01 39.19
CA GLU A 122 30.84 -5.65 39.37
C GLU A 122 30.62 -4.15 39.23
N SER A 123 31.70 -3.36 39.16
CA SER A 123 31.59 -1.94 38.88
C SER A 123 31.32 -1.65 37.41
N LEU A 124 31.40 -2.66 36.54
CA LEU A 124 31.09 -2.49 35.13
C LEU A 124 29.64 -2.88 34.84
N HIS A 125 28.99 -2.11 33.99
CA HIS A 125 27.66 -2.46 33.52
C HIS A 125 27.77 -3.44 32.36
N LEU A 126 27.00 -4.53 32.42
CA LEU A 126 27.06 -5.57 31.41
C LEU A 126 25.72 -5.63 30.69
N LEU A 127 25.74 -5.43 29.38
CA LEU A 127 24.53 -5.38 28.57
C LEU A 127 24.67 -6.28 27.36
N GLY A 128 23.54 -6.74 26.85
CA GLY A 128 23.50 -7.52 25.62
C GLY A 128 22.86 -6.69 24.51
N GLY A 129 23.36 -6.87 23.30
CA GLY A 129 22.78 -6.23 22.14
C GLY A 129 22.48 -7.26 21.07
N LEU A 130 21.20 -7.51 20.81
CA LEU A 130 20.80 -8.47 19.80
C LEU A 130 20.67 -7.74 18.47
N CYS A 131 21.60 -8.03 17.57
CA CYS A 131 21.64 -7.40 16.27
C CYS A 131 20.92 -8.28 15.26
N PHE A 132 19.92 -7.70 14.59
N PHE A 132 19.88 -7.74 14.62
CA PHE A 132 19.25 -8.30 13.44
CA PHE A 132 19.30 -8.37 13.44
C PHE A 132 19.86 -7.64 12.20
C PHE A 132 19.88 -7.65 12.24
N ILE A 133 20.87 -8.28 11.61
CA ILE A 133 21.65 -7.66 10.55
C ILE A 133 22.25 -8.76 9.68
N CYS A 134 22.26 -8.51 8.37
CA CYS A 134 22.91 -9.37 7.39
C CYS A 134 24.25 -8.71 7.05
N VAL A 135 25.33 -9.22 7.61
CA VAL A 135 26.64 -8.62 7.40
C VAL A 135 27.69 -9.71 7.46
N HIS A 136 28.74 -9.57 6.65
CA HIS A 136 29.87 -10.48 6.68
C HIS A 136 31.12 -9.77 6.19
N ARG A 137 32.27 -10.34 6.51
CA ARG A 137 33.53 -9.80 6.01
C ARG A 137 33.65 -10.09 4.53
N GLY A 138 34.10 -9.09 3.77
CA GLY A 138 34.45 -9.30 2.39
C GLY A 138 35.95 -9.51 2.30
N GLU A 139 36.60 -8.72 1.44
CA GLU A 139 38.05 -8.66 1.44
C GLU A 139 38.54 -8.07 2.75
N PRO A 140 39.82 -8.24 3.08
CA PRO A 140 40.32 -7.73 4.37
C PRO A 140 40.07 -6.23 4.50
N GLY A 141 39.54 -5.84 5.66
CA GLY A 141 39.17 -4.46 5.91
C GLY A 141 37.88 -4.00 5.25
N VAL A 142 37.15 -4.90 4.59
CA VAL A 142 35.93 -4.54 3.88
C VAL A 142 34.75 -5.28 4.51
N ILE A 143 33.71 -4.53 4.87
CA ILE A 143 32.51 -5.06 5.48
C ILE A 143 31.40 -5.05 4.43
N GLU A 144 30.70 -6.19 4.28
CA GLU A 144 29.62 -6.33 3.31
C GLU A 144 28.30 -6.36 4.06
N HIS A 145 27.53 -5.27 3.97
CA HIS A 145 26.28 -5.11 4.69
C HIS A 145 25.11 -5.23 3.71
N GLN A 146 24.35 -6.32 3.81
CA GLN A 146 23.31 -6.62 2.84
C GLN A 146 21.93 -6.11 3.25
N ALA A 147 21.61 -6.09 4.55
CA ALA A 147 20.26 -5.74 4.96
C ALA A 147 20.20 -5.55 6.48
N TYR A 148 19.16 -4.82 6.91
CA TYR A 148 18.79 -4.66 8.32
C TYR A 148 19.91 -3.93 9.07
N GLY A 149 20.05 -4.22 10.36
CA GLY A 149 21.07 -3.59 11.17
C GLY A 149 20.64 -3.19 12.57
N GLY A 150 19.33 -3.32 12.85
CA GLY A 150 18.81 -2.86 14.13
C GLY A 150 19.36 -3.65 15.30
N VAL A 151 19.42 -3.00 16.46
CA VAL A 151 20.00 -3.58 17.67
C VAL A 151 19.00 -3.43 18.82
N ASN A 152 18.61 -4.54 19.42
CA ASN A 152 17.82 -4.55 20.64
C ASN A 152 18.76 -4.71 21.83
N LEU A 153 18.83 -3.70 22.68
CA LEU A 153 19.71 -3.68 23.84
C LEU A 153 18.96 -4.03 25.11
N GLY A 154 19.64 -4.72 26.03
CA GLY A 154 19.08 -5.02 27.33
C GLY A 154 20.18 -5.10 28.37
N TYR A 155 19.78 -4.88 29.62
CA TYR A 155 20.72 -4.81 30.74
C TYR A 155 20.75 -6.15 31.46
N HIS A 156 21.95 -6.63 31.78
CA HIS A 156 22.11 -7.87 32.53
C HIS A 156 22.54 -7.63 33.97
N SER A 157 23.71 -7.04 34.19
CA SER A 157 24.25 -6.95 35.53
C SER A 157 25.07 -5.67 35.66
N GLY A 158 25.25 -5.22 36.89
CA GLY A 158 26.05 -4.05 37.14
C GLY A 158 25.56 -3.23 38.30
N PRO A 159 26.33 -2.18 38.65
CA PRO A 159 26.06 -1.39 39.87
C PRO A 159 25.04 -0.30 39.58
N ALA A 160 23.84 -0.71 39.23
CA ALA A 160 22.83 0.26 38.85
C ALA A 160 21.50 -0.19 39.40
N ASP A 161 20.81 0.73 40.05
CA ASP A 161 19.52 0.35 40.54
C ASP A 161 18.54 0.31 39.40
N GLU A 162 17.30 0.23 39.77
CA GLU A 162 16.39 -0.26 38.77
C GLU A 162 16.02 0.90 37.81
N ARG A 163 15.91 2.13 38.31
CA ARG A 163 15.78 3.31 37.45
C ARG A 163 17.00 3.50 36.56
N ARG A 164 18.21 3.41 37.12
CA ARG A 164 19.43 3.67 36.37
C ARG A 164 19.61 2.69 35.21
N ARG A 165 19.15 1.46 35.38
CA ARG A 165 19.30 0.47 34.33
C ARG A 165 18.53 0.87 33.08
N ARG A 166 17.27 1.28 33.25
CA ARG A 166 16.52 1.78 32.11
C ARG A 166 17.23 2.96 31.46
N GLU A 167 17.79 3.86 32.26
CA GLU A 167 18.49 5.02 31.73
C GLU A 167 19.70 4.60 30.89
N ILE A 168 20.48 3.64 31.38
CA ILE A 168 21.68 3.21 30.67
C ILE A 168 21.32 2.50 29.38
N VAL A 169 20.27 1.68 29.40
CA VAL A 169 19.86 1.01 28.17
C VAL A 169 19.44 2.05 27.13
N GLU A 170 18.72 3.10 27.56
CA GLU A 170 18.32 4.14 26.64
C GLU A 170 19.53 4.89 26.10
N GLU A 171 20.50 5.19 26.98
CA GLU A 171 21.74 5.83 26.53
C GLU A 171 22.41 5.02 25.43
N GLY A 172 22.45 3.69 25.58
CA GLY A 172 23.03 2.86 24.54
C GLY A 172 22.21 2.88 23.26
N ALA A 173 20.89 2.75 23.38
CA ALA A 173 20.04 2.80 22.19
C ALA A 173 20.20 4.12 21.45
N ALA A 174 20.32 5.23 22.18
CA ALA A 174 20.50 6.53 21.56
C ALA A 174 21.81 6.61 20.79
N LEU A 175 22.87 5.95 21.29
CA LEU A 175 24.13 5.91 20.56
C LEU A 175 23.92 5.37 19.15
N PHE A 176 23.20 4.25 19.03
CA PHE A 176 22.97 3.66 17.71
C PHE A 176 21.96 4.48 16.90
N ARG A 177 20.92 4.99 17.55
CA ARG A 177 19.93 5.80 16.82
C ARG A 177 20.57 7.08 16.30
N GLU A 178 21.49 7.66 17.07
CA GLU A 178 22.22 8.84 16.64
C GLU A 178 23.13 8.56 15.43
N SER A 179 23.48 7.30 15.22
CA SER A 179 24.35 6.91 14.11
C SER A 179 23.55 6.49 12.89
N GLY A 180 22.23 6.66 12.92
CA GLY A 180 21.39 6.25 11.81
C GLY A 180 20.96 4.80 11.84
N LEU A 181 20.98 4.16 13.00
CA LEU A 181 20.58 2.77 13.13
C LEU A 181 19.29 2.65 13.93
N GLU A 182 18.49 1.63 13.60
CA GLU A 182 17.33 1.30 14.41
C GLU A 182 17.79 0.68 15.73
N SER A 183 17.18 1.11 16.83
CA SER A 183 17.58 0.60 18.14
C SER A 183 16.41 0.70 19.11
N THR A 184 16.26 -0.35 19.92
CA THR A 184 15.14 -0.50 20.84
C THR A 184 15.66 -0.86 22.22
N ALA A 185 15.18 -0.13 23.23
CA ALA A 185 15.49 -0.43 24.62
C ALA A 185 14.61 -1.57 25.11
N MET A 186 15.20 -2.71 25.40
CA MET A 186 14.36 -3.82 25.81
C MET A 186 14.19 -3.85 27.33
N PRO A 187 13.00 -4.17 27.83
CA PRO A 187 12.83 -4.30 29.28
C PRO A 187 13.49 -5.54 29.84
N ASP A 188 13.67 -6.59 29.02
CA ASP A 188 14.08 -7.90 29.52
C ASP A 188 15.09 -8.49 28.55
N LEU A 189 16.36 -8.56 28.97
CA LEU A 189 17.41 -9.05 28.07
C LEU A 189 17.22 -10.52 27.72
N GLU A 190 16.85 -11.36 28.69
CA GLU A 190 16.72 -12.77 28.38
C GLU A 190 15.58 -13.02 27.40
N GLN A 191 14.46 -12.31 27.57
CA GLN A 191 13.38 -12.42 26.61
C GLN A 191 13.85 -12.01 25.21
N ALA A 192 14.64 -10.94 25.14
CA ALA A 192 15.17 -10.49 23.85
C ALA A 192 16.07 -11.56 23.23
N ARG A 193 16.86 -12.25 24.05
CA ARG A 193 17.74 -13.29 23.53
C ARG A 193 16.95 -14.47 22.99
N TRP A 194 15.85 -14.83 23.66
CA TRP A 194 15.00 -15.90 23.15
C TRP A 194 14.39 -15.52 21.80
N GLN A 195 14.05 -14.23 21.64
CA GLN A 195 13.52 -13.76 20.35
C GLN A 195 14.50 -14.04 19.22
N LYS A 196 15.78 -13.68 19.43
CA LYS A 196 16.77 -13.88 18.38
C LYS A 196 17.10 -15.35 18.17
N LEU A 197 16.98 -16.17 19.23
CA LEU A 197 17.21 -17.61 19.08
C LEU A 197 16.26 -18.24 18.06
N VAL A 198 15.03 -17.71 17.95
CA VAL A 198 14.08 -18.28 17.01
C VAL A 198 14.59 -18.17 15.58
N TRP A 199 15.43 -17.17 15.30
CA TRP A 199 16.02 -17.09 13.97
C TRP A 199 17.33 -17.86 13.88
N ASN A 200 18.23 -17.67 14.84
CA ASN A 200 19.56 -18.26 14.70
C ASN A 200 19.55 -19.78 14.80
N ILE A 201 18.70 -20.33 15.67
CA ILE A 201 18.70 -21.80 15.86
C ILE A 201 18.40 -22.54 14.57
N PRO A 202 17.31 -22.23 13.83
CA PRO A 202 17.10 -22.94 12.56
C PRO A 202 18.08 -22.54 11.47
N TYR A 203 18.26 -21.24 11.24
CA TYR A 203 18.96 -20.82 10.02
C TYR A 203 20.47 -21.04 10.12
N ASN A 204 21.07 -20.78 11.29
CA ASN A 204 22.51 -20.99 11.41
C ASN A 204 22.88 -22.46 11.22
N GLY A 205 22.19 -23.36 11.92
CA GLY A 205 22.54 -24.76 11.85
C GLY A 205 22.15 -25.41 10.53
N LEU A 206 20.97 -25.08 10.00
CA LEU A 206 20.55 -25.67 8.73
C LEU A 206 21.41 -25.19 7.57
N SER A 207 21.93 -23.96 7.63
CA SER A 207 22.81 -23.49 6.57
C SER A 207 24.09 -24.32 6.52
N VAL A 208 24.60 -24.74 7.68
CA VAL A 208 25.75 -25.64 7.71
C VAL A 208 25.34 -27.05 7.29
N LEU A 209 24.31 -27.59 7.93
CA LEU A 209 23.92 -28.98 7.70
C LEU A 209 23.48 -29.21 6.25
N LEU A 210 22.74 -28.25 5.69
CA LEU A 210 22.23 -28.39 4.33
C LEU A 210 23.08 -27.66 3.30
N LYS A 211 24.19 -27.04 3.72
CA LYS A 211 25.11 -26.34 2.82
C LYS A 211 24.37 -25.37 1.91
N SER A 212 23.58 -24.49 2.54
CA SER A 212 22.67 -23.63 1.79
C SER A 212 22.58 -22.28 2.47
N SER A 213 22.16 -21.27 1.70
CA SER A 213 21.89 -19.95 2.23
C SER A 213 20.38 -19.78 2.39
N THR A 214 19.96 -18.57 2.78
CA THR A 214 18.57 -18.35 3.18
C THR A 214 17.58 -18.56 2.02
N ALA A 215 17.95 -18.11 0.81
CA ALA A 215 16.99 -18.17 -0.29
C ALA A 215 16.62 -19.60 -0.69
N PRO A 216 17.56 -20.51 -0.94
CA PRO A 216 17.12 -21.89 -1.23
C PRO A 216 16.39 -22.53 -0.07
N LEU A 217 16.79 -22.21 1.16
CA LEU A 217 16.12 -22.77 2.33
C LEU A 217 14.66 -22.34 2.39
N MET A 218 14.36 -21.12 1.95
CA MET A 218 12.99 -20.62 1.95
C MET A 218 12.21 -20.99 0.70
N ALA A 219 12.90 -21.27 -0.41
CA ALA A 219 12.22 -21.64 -1.65
C ALA A 219 11.74 -23.08 -1.64
N ASN A 220 12.34 -23.94 -0.83
CA ASN A 220 12.03 -25.36 -0.81
C ASN A 220 10.99 -25.64 0.26
N ALA A 221 9.90 -26.32 -0.13
CA ALA A 221 8.79 -26.55 0.79
C ALA A 221 9.22 -27.36 2.01
N ASP A 222 10.13 -28.31 1.83
CA ASP A 222 10.51 -29.18 2.92
C ASP A 222 11.39 -28.47 3.94
N SER A 223 12.38 -27.71 3.47
CA SER A 223 13.21 -26.95 4.40
C SER A 223 12.42 -25.81 5.04
N ARG A 224 11.50 -25.19 4.30
CA ARG A 224 10.65 -24.17 4.91
C ARG A 224 9.80 -24.76 6.02
N SER A 225 9.25 -25.96 5.80
CA SER A 225 8.45 -26.60 6.83
C SER A 225 9.30 -26.99 8.03
N LEU A 226 10.52 -27.45 7.79
CA LEU A 226 11.42 -27.81 8.88
C LEU A 226 11.81 -26.57 9.70
N ILE A 227 12.10 -25.47 9.03
CA ILE A 227 12.47 -24.25 9.74
C ILE A 227 11.34 -23.82 10.67
N GLU A 228 10.09 -23.87 10.19
CA GLU A 228 8.96 -23.45 11.01
C GLU A 228 8.75 -24.37 12.20
N ALA A 229 8.93 -25.68 12.01
CA ALA A 229 8.82 -26.60 13.13
C ALA A 229 9.89 -26.32 14.18
N ILE A 230 11.11 -26.01 13.75
CA ILE A 230 12.17 -25.68 14.71
C ILE A 230 11.84 -24.39 15.44
N MET A 231 11.36 -23.38 14.71
CA MET A 231 10.93 -22.13 15.34
C MET A 231 9.93 -22.39 16.45
N GLU A 232 8.93 -23.25 16.18
CA GLU A 232 7.92 -23.53 17.19
C GLU A 232 8.50 -24.27 18.39
N GLU A 233 9.57 -25.04 18.19
CA GLU A 233 10.24 -25.64 19.34
C GLU A 233 10.89 -24.57 20.22
N VAL A 234 11.53 -23.58 19.61
CA VAL A 234 12.17 -22.52 20.39
C VAL A 234 11.14 -21.65 21.07
N ILE A 235 10.07 -21.30 20.34
CA ILE A 235 8.97 -20.56 20.94
C ILE A 235 8.40 -21.31 22.13
N GLY A 236 8.22 -22.63 21.98
CA GLY A 236 7.70 -23.42 23.08
C GLY A 236 8.65 -23.47 24.27
N ALA A 237 9.93 -23.70 23.99
CA ALA A 237 10.92 -23.72 25.06
C ALA A 237 10.94 -22.40 25.82
N ALA A 238 10.92 -21.28 25.08
CA ALA A 238 10.90 -19.97 25.72
C ALA A 238 9.68 -19.81 26.61
N GLY A 239 8.51 -20.22 26.10
CA GLY A 239 7.30 -20.18 26.92
C GLY A 239 7.43 -21.03 28.16
N ALA A 240 8.02 -22.23 28.02
CA ALA A 240 8.21 -23.11 29.17
C ALA A 240 9.13 -22.49 30.22
N CYS A 241 10.15 -21.75 29.78
CA CYS A 241 11.07 -21.09 30.70
C CYS A 241 10.53 -19.76 31.22
N GLY A 242 9.30 -19.40 30.87
CA GLY A 242 8.67 -18.21 31.41
C GLY A 242 8.74 -16.97 30.57
N PHE A 243 8.93 -17.09 29.25
CA PHE A 243 9.06 -15.93 28.38
C PHE A 243 8.05 -16.04 27.26
N ILE A 244 7.21 -15.01 27.13
CA ILE A 244 6.19 -14.95 26.09
C ILE A 244 6.80 -14.30 24.87
N LEU A 245 6.65 -14.94 23.71
CA LEU A 245 7.03 -14.35 22.45
C LEU A 245 5.80 -13.81 21.73
N PRO A 246 5.96 -12.85 20.83
CA PRO A 246 4.79 -12.23 20.19
C PRO A 246 3.97 -13.23 19.39
N GLU A 247 2.68 -12.93 19.26
CA GLU A 247 1.74 -13.83 18.57
C GLU A 247 2.16 -14.01 17.11
N GLY A 248 2.16 -15.26 16.67
CA GLY A 248 2.56 -15.58 15.31
C GLY A 248 3.97 -15.16 14.97
N TYR A 249 4.89 -15.28 15.94
CA TYR A 249 6.25 -14.82 15.74
C TYR A 249 6.96 -15.59 14.63
N ALA A 250 6.59 -16.86 14.43
CA ALA A 250 7.26 -17.68 13.43
C ALA A 250 6.99 -17.18 12.01
N ASP A 251 5.72 -16.94 11.68
CA ASP A 251 5.40 -16.34 10.38
C ASP A 251 6.01 -14.96 10.25
N GLN A 252 6.04 -14.20 11.34
CA GLN A 252 6.70 -12.89 11.34
C GLN A 252 8.16 -13.01 10.94
N LEU A 253 8.87 -14.00 11.52
CA LEU A 253 10.28 -14.17 11.17
C LEU A 253 10.44 -14.78 9.78
N LEU A 254 9.56 -15.72 9.41
CA LEU A 254 9.65 -16.34 8.10
C LEU A 254 9.47 -15.32 6.99
N ALA A 255 8.57 -14.35 7.19
CA ALA A 255 8.31 -13.34 6.16
C ALA A 255 9.49 -12.39 6.01
N ALA A 256 10.13 -12.03 7.13
CA ALA A 256 11.32 -11.18 7.04
C ALA A 256 12.44 -11.85 6.29
N THR A 257 12.55 -13.17 6.39
CA THR A 257 13.63 -13.88 5.69
C THR A 257 13.32 -14.08 4.21
N GLU A 258 12.04 -14.18 3.83
CA GLU A 258 11.70 -14.15 2.42
C GLU A 258 12.05 -12.81 1.80
N ARG A 259 11.79 -11.72 2.51
CA ARG A 259 12.21 -10.39 2.08
C ARG A 259 13.72 -10.26 2.04
N MET A 260 14.41 -11.07 2.82
CA MET A 260 15.85 -10.92 3.01
C MET A 260 16.60 -11.33 1.74
N PRO A 261 17.63 -10.57 1.35
CA PRO A 261 18.50 -11.03 0.25
C PRO A 261 19.17 -12.35 0.63
N ASP A 262 19.55 -13.11 -0.40
CA ASP A 262 20.20 -14.40 -0.17
C ASP A 262 21.40 -14.24 0.75
N TYR A 263 21.37 -14.94 1.88
CA TYR A 263 22.28 -14.62 2.96
C TYR A 263 22.87 -15.89 3.56
N ARG A 264 24.19 -15.86 3.79
CA ARG A 264 24.88 -16.95 4.44
C ARG A 264 25.06 -16.60 5.91
N PRO A 265 24.41 -17.30 6.84
CA PRO A 265 24.59 -16.99 8.27
C PRO A 265 26.04 -17.14 8.69
N SER A 266 26.38 -16.48 9.81
CA SER A 266 27.76 -16.48 10.28
C SER A 266 28.29 -17.90 10.47
N MET A 267 27.47 -18.81 10.98
CA MET A 267 27.91 -20.17 11.24
C MET A 267 28.31 -20.90 9.95
N TYR A 268 27.64 -20.59 8.84
CA TYR A 268 28.05 -21.11 7.54
C TYR A 268 29.49 -20.72 7.23
N HIS A 269 29.82 -19.43 7.37
CA HIS A 269 31.20 -18.98 7.15
C HIS A 269 32.15 -19.65 8.13
N ASP A 270 31.72 -19.83 9.38
CA ASP A 270 32.57 -20.46 10.38
C ASP A 270 32.94 -21.88 9.96
N PHE A 271 31.94 -22.68 9.57
CA PHE A 271 32.24 -24.04 9.12
C PHE A 271 33.04 -24.03 7.82
N ALA A 272 32.80 -23.06 6.96
CA ALA A 272 33.52 -23.01 5.68
C ALA A 272 35.01 -22.74 5.86
N HIS A 273 35.38 -22.00 6.90
CA HIS A 273 36.78 -21.68 7.17
C HIS A 273 37.38 -22.50 8.30
N GLY A 274 36.70 -23.56 8.74
CA GLY A 274 37.22 -24.40 9.82
C GLY A 274 37.25 -23.76 11.18
N ARG A 275 36.54 -22.63 11.38
CA ARG A 275 36.47 -21.99 12.68
C ARG A 275 35.45 -22.71 13.57
N PRO A 276 35.66 -22.71 14.90
CA PRO A 276 34.71 -23.36 15.80
C PRO A 276 33.34 -22.70 15.75
N LEU A 277 32.29 -23.52 15.69
CA LEU A 277 30.93 -23.00 15.61
C LEU A 277 30.44 -22.55 16.98
N GLU A 278 29.50 -21.62 16.97
CA GLU A 278 28.93 -21.09 18.20
C GLU A 278 27.86 -22.02 18.78
N LEU A 279 28.18 -23.31 18.93
CA LEU A 279 27.17 -24.27 19.36
C LEU A 279 26.78 -24.06 20.81
N ALA A 280 27.75 -23.73 21.67
CA ALA A 280 27.49 -23.64 23.11
C ALA A 280 26.43 -22.59 23.41
N ALA A 281 26.55 -21.41 22.80
CA ALA A 281 25.62 -20.32 23.13
C ALA A 281 24.28 -20.47 22.41
N ILE A 282 24.30 -20.95 21.17
CA ILE A 282 23.08 -20.98 20.37
C ILE A 282 22.26 -22.26 20.59
N TYR A 283 22.89 -23.40 20.86
CA TYR A 283 22.16 -24.67 21.01
C TYR A 283 22.25 -25.25 22.42
N ALA A 284 23.47 -25.42 22.94
CA ALA A 284 23.62 -26.09 24.24
C ALA A 284 22.88 -25.35 25.34
N ALA A 285 23.07 -24.04 25.43
CA ALA A 285 22.42 -23.26 26.50
C ALA A 285 20.90 -23.30 26.40
N PRO A 286 20.27 -23.05 25.25
CA PRO A 286 18.80 -23.19 25.20
C PRO A 286 18.31 -24.60 25.50
N LEU A 287 19.03 -25.62 25.01
CA LEU A 287 18.63 -27.00 25.29
C LEU A 287 18.67 -27.29 26.79
N ALA A 288 19.72 -26.84 27.47
CA ALA A 288 19.82 -27.06 28.91
C ALA A 288 18.74 -26.29 29.66
N ARG A 289 18.48 -25.05 29.27
CA ARG A 289 17.40 -24.29 29.89
C ARG A 289 16.06 -24.97 29.65
N ALA A 290 15.85 -25.51 28.45
CA ALA A 290 14.61 -26.21 28.14
C ALA A 290 14.50 -27.50 28.94
N ALA A 291 15.61 -28.22 29.11
CA ALA A 291 15.59 -29.44 29.89
C ALA A 291 15.28 -29.15 31.35
N ALA A 292 15.94 -28.14 31.92
CA ALA A 292 15.70 -27.79 33.32
C ALA A 292 14.25 -27.40 33.56
N ALA A 293 13.56 -26.92 32.53
CA ALA A 293 12.15 -26.55 32.62
C ALA A 293 11.22 -27.68 32.19
N GLY A 294 11.76 -28.86 31.92
CA GLY A 294 10.91 -29.99 31.55
C GLY A 294 10.38 -29.96 30.14
N TYR A 295 11.00 -29.17 29.26
CA TYR A 295 10.53 -29.03 27.89
C TYR A 295 11.55 -29.60 26.92
N ARG A 296 11.09 -30.47 26.02
CA ARG A 296 11.96 -31.14 25.06
C ARG A 296 11.84 -30.48 23.69
N MET A 297 12.99 -30.31 23.02
CA MET A 297 13.06 -29.75 21.67
C MET A 297 13.72 -30.79 20.77
N PRO A 298 12.97 -31.81 20.33
CA PRO A 298 13.62 -32.94 19.63
C PRO A 298 14.39 -32.53 18.37
N ARG A 299 13.81 -31.67 17.53
CA ARG A 299 14.51 -31.28 16.31
C ARG A 299 15.75 -30.46 16.61
N VAL A 300 15.66 -29.50 17.54
CA VAL A 300 16.84 -28.71 17.89
C VAL A 300 17.90 -29.60 18.51
N GLU A 301 17.49 -30.51 19.39
CA GLU A 301 18.42 -31.46 19.98
C GLU A 301 19.15 -32.25 18.91
N ALA A 302 18.42 -32.74 17.92
CA ALA A 302 19.05 -33.54 16.87
C ALA A 302 19.92 -32.68 15.96
N LEU A 303 19.47 -31.46 15.66
CA LEU A 303 20.31 -30.54 14.89
C LEU A 303 21.62 -30.26 15.60
N HIS A 304 21.55 -30.04 16.92
CA HIS A 304 22.76 -29.82 17.71
C HIS A 304 23.68 -31.04 17.65
N GLN A 305 23.11 -32.24 17.78
CA GLN A 305 23.91 -33.46 17.68
C GLN A 305 24.58 -33.55 16.31
N ALA A 306 23.84 -33.25 15.24
CA ALA A 306 24.41 -33.33 13.89
C ALA A 306 25.57 -32.34 13.73
N LEU A 307 25.42 -31.13 14.28
CA LEU A 307 26.47 -30.12 14.13
C LEU A 307 27.72 -30.50 14.93
N ARG A 308 27.53 -31.06 16.12
CA ARG A 308 28.68 -31.53 16.89
C ARG A 308 29.40 -32.67 16.17
N PHE A 309 28.65 -33.58 15.53
CA PHE A 309 29.28 -34.63 14.74
C PHE A 309 30.07 -34.03 13.59
N LEU A 310 29.47 -33.11 12.84
CA LEU A 310 30.16 -32.50 11.70
C LEU A 310 31.44 -31.80 12.16
N GLU A 311 31.41 -31.15 13.32
CA GLU A 311 32.59 -30.45 13.82
C GLU A 311 33.71 -31.42 14.17
N ALA A 312 33.37 -32.65 14.55
CA ALA A 312 34.36 -33.63 15.00
C ALA A 312 34.99 -34.40 13.84
N GLN A 313 34.50 -34.23 12.63
CA GLN A 313 34.97 -34.95 11.46
C GLN A 313 36.17 -34.24 10.84
N PRO A 314 36.89 -34.91 9.90
CA PRO A 314 37.97 -34.38 9.06
C PRO A 314 38.06 -32.86 8.93
N GLN B 6 -6.08 16.96 18.51
CA GLN B 6 -5.30 17.71 17.52
C GLN B 6 -4.02 16.96 17.14
N ARG B 7 -3.33 16.38 18.11
CA ARG B 7 -2.23 15.48 17.79
C ARG B 7 -2.79 14.10 17.50
N ILE B 8 -2.53 13.59 16.30
CA ILE B 8 -3.09 12.32 15.83
C ILE B 8 -1.95 11.30 15.73
N GLY B 9 -2.18 10.12 16.29
CA GLY B 9 -1.27 8.99 16.13
C GLY B 9 -1.93 7.89 15.33
N VAL B 10 -1.14 7.19 14.52
CA VAL B 10 -1.61 6.07 13.72
C VAL B 10 -0.85 4.82 14.16
N ILE B 11 -1.55 3.88 14.80
CA ILE B 11 -0.96 2.64 15.30
C ILE B 11 -1.25 1.55 14.29
N GLY B 12 -0.25 1.19 13.50
CA GLY B 12 -0.44 0.23 12.41
C GLY B 12 -0.78 0.93 11.11
N THR B 13 0.23 1.16 10.28
CA THR B 13 0.08 1.97 9.08
C THR B 13 0.07 1.07 7.84
N GLY B 14 -0.97 0.25 7.74
CA GLY B 14 -1.23 -0.53 6.55
C GLY B 14 -1.98 0.30 5.52
N ALA B 15 -2.82 -0.36 4.75
CA ALA B 15 -3.65 0.36 3.78
C ALA B 15 -4.59 1.33 4.47
N ILE B 16 -5.19 0.91 5.59
CA ILE B 16 -6.18 1.73 6.27
C ILE B 16 -5.53 2.86 7.05
N GLY B 17 -4.55 2.54 7.89
CA GLY B 17 -3.87 3.58 8.64
C GLY B 17 -3.13 4.54 7.75
N GLY B 18 -2.49 4.03 6.70
CA GLY B 18 -1.84 4.90 5.74
C GLY B 18 -2.81 5.86 5.09
N PHE B 19 -3.94 5.33 4.60
CA PHE B 19 -4.90 6.17 3.89
C PHE B 19 -5.44 7.28 4.80
N TYR B 20 -6.01 6.91 5.94
CA TYR B 20 -6.67 7.90 6.78
C TYR B 20 -5.64 8.82 7.44
N GLY B 21 -4.48 8.28 7.83
CA GLY B 21 -3.41 9.13 8.32
C GLY B 21 -2.95 10.13 7.30
N LEU B 22 -2.76 9.68 6.06
CA LEU B 22 -2.33 10.60 5.01
C LEU B 22 -3.38 11.68 4.74
N MET B 23 -4.65 11.28 4.69
CA MET B 23 -5.71 12.26 4.38
C MET B 23 -5.82 13.32 5.49
N LEU B 24 -5.73 12.91 6.76
CA LEU B 24 -5.76 13.87 7.85
C LEU B 24 -4.55 14.79 7.79
N ALA B 25 -3.36 14.23 7.60
CA ALA B 25 -2.15 15.04 7.54
C ALA B 25 -2.18 16.00 6.36
N HIS B 26 -2.75 15.55 5.24
CA HIS B 26 -2.88 16.46 4.09
C HIS B 26 -3.80 17.63 4.42
N ALA B 27 -4.80 17.42 5.26
CA ALA B 27 -5.73 18.46 5.64
C ALA B 27 -5.17 19.42 6.68
N GLY B 28 -3.94 19.19 7.15
CA GLY B 28 -3.30 20.08 8.10
C GLY B 28 -3.21 19.57 9.52
N HIS B 29 -3.56 18.31 9.77
CA HIS B 29 -3.44 17.77 11.12
C HIS B 29 -1.99 17.34 11.40
N ASP B 30 -1.64 17.29 12.69
CA ASP B 30 -0.35 16.77 13.12
C ASP B 30 -0.48 15.27 13.33
N VAL B 31 0.11 14.48 12.43
CA VAL B 31 -0.08 13.03 12.40
C VAL B 31 1.26 12.33 12.53
N HIS B 32 1.33 11.35 13.41
CA HIS B 32 2.52 10.55 13.68
C HIS B 32 2.22 9.09 13.42
N PHE B 33 3.06 8.43 12.62
CA PHE B 33 2.79 7.08 12.15
C PHE B 33 3.69 6.07 12.86
N LEU B 34 3.06 5.05 13.44
CA LEU B 34 3.79 3.90 13.98
C LEU B 34 3.84 2.81 12.91
N LEU B 35 5.04 2.52 12.42
CA LEU B 35 5.25 1.50 11.42
C LEU B 35 6.06 0.36 12.02
N ARG B 36 5.56 -0.87 11.87
CA ARG B 36 6.31 -2.05 12.31
C ARG B 36 7.16 -2.54 11.16
N SER B 37 6.64 -3.50 10.39
CA SER B 37 7.23 -3.81 9.10
C SER B 37 7.16 -2.59 8.21
N GLU B 38 8.03 -2.56 7.18
CA GLU B 38 8.01 -1.52 6.16
C GLU B 38 8.28 -0.13 6.75
N PHE B 39 8.87 -0.06 7.95
CA PHE B 39 9.26 1.24 8.50
C PHE B 39 10.34 1.89 7.65
N GLU B 40 11.32 1.09 7.22
CA GLU B 40 12.48 1.65 6.54
C GLU B 40 12.10 2.34 5.24
N ALA B 41 11.15 1.76 4.50
CA ALA B 41 10.77 2.34 3.22
C ALA B 41 10.13 3.72 3.39
N VAL B 42 9.13 3.82 4.28
CA VAL B 42 8.38 5.07 4.39
C VAL B 42 9.21 6.14 5.09
N ASN B 43 10.08 5.76 6.03
CA ASN B 43 10.94 6.76 6.66
C ASN B 43 11.91 7.36 5.66
N ARG B 44 12.33 6.60 4.65
CA ARG B 44 13.21 7.15 3.62
C ARG B 44 12.41 7.86 2.53
N ALA B 45 11.40 7.19 1.97
CA ALA B 45 10.73 7.65 0.76
C ALA B 45 9.40 8.35 1.03
N GLY B 46 8.84 8.23 2.22
CA GLY B 46 7.56 8.88 2.51
C GLY B 46 6.37 7.99 2.22
N LEU B 47 5.23 8.64 2.05
CA LEU B 47 3.95 7.98 1.83
C LEU B 47 3.29 8.56 0.59
N SER B 48 2.84 7.69 -0.31
CA SER B 48 2.16 8.10 -1.53
C SER B 48 0.78 7.48 -1.60
N LEU B 49 -0.18 8.27 -2.10
CA LEU B 49 -1.56 7.84 -2.28
C LEU B 49 -1.92 7.98 -3.75
N ASN B 50 -2.32 6.87 -4.38
CA ASN B 50 -2.84 6.87 -5.74
C ASN B 50 -4.33 6.58 -5.62
N SER B 51 -5.14 7.64 -5.64
CA SER B 51 -6.57 7.53 -5.40
C SER B 51 -7.35 7.85 -6.66
N ALA B 52 -8.28 6.96 -7.02
CA ALA B 52 -9.19 7.20 -8.13
C ALA B 52 -10.28 8.21 -7.78
N VAL B 53 -10.40 8.58 -6.51
CA VAL B 53 -11.34 9.60 -6.06
C VAL B 53 -10.63 10.93 -5.79
N HIS B 54 -9.53 10.89 -5.05
CA HIS B 54 -8.86 12.10 -4.59
C HIS B 54 -7.59 12.40 -5.37
N GLY B 55 -7.18 11.54 -6.29
CA GLY B 55 -5.98 11.81 -7.06
C GLY B 55 -4.70 11.39 -6.36
N PHE B 56 -3.59 11.90 -6.91
CA PHE B 56 -2.26 11.57 -6.41
C PHE B 56 -1.88 12.54 -5.30
N ARG B 57 -1.53 11.99 -4.14
CA ARG B 57 -1.08 12.78 -3.00
C ARG B 57 0.17 12.15 -2.41
N ARG B 58 1.12 13.00 -2.02
CA ARG B 58 2.36 12.54 -1.43
C ARG B 58 2.64 13.29 -0.13
N LEU B 59 3.10 12.55 0.86
CA LEU B 59 3.46 13.09 2.17
C LEU B 59 4.91 12.71 2.44
N ALA B 60 5.79 13.69 2.39
CA ALA B 60 7.22 13.46 2.60
C ALA B 60 7.87 14.75 3.06
N PRO B 61 8.61 14.74 4.18
CA PRO B 61 8.79 13.53 4.98
C PRO B 61 7.60 13.24 5.88
N VAL B 62 7.52 11.99 6.31
CA VAL B 62 6.48 11.52 7.20
C VAL B 62 7.08 11.39 8.60
N GLN B 63 6.28 11.72 9.62
CA GLN B 63 6.69 11.50 11.00
C GLN B 63 6.53 10.01 11.28
N ALA B 64 7.62 9.27 11.10
CA ALA B 64 7.62 7.82 11.16
C ALA B 64 8.31 7.33 12.43
N TYR B 65 7.79 6.24 13.00
CA TYR B 65 8.35 5.64 14.19
C TYR B 65 8.25 4.12 14.08
N HIS B 66 9.27 3.42 14.61
CA HIS B 66 9.21 1.97 14.71
C HIS B 66 8.96 1.50 16.13
N SER B 67 8.90 2.41 17.10
CA SER B 67 8.60 2.05 18.49
C SER B 67 7.60 3.04 19.06
N ALA B 68 6.55 2.53 19.70
CA ALA B 68 5.52 3.40 20.25
C ALA B 68 6.04 4.25 21.40
N GLN B 69 7.05 3.77 22.12
CA GLN B 69 7.68 4.58 23.15
C GLN B 69 8.37 5.81 22.59
N ASP B 70 8.77 5.79 21.31
CA ASP B 70 9.36 6.95 20.67
C ASP B 70 8.32 8.02 20.33
N MET B 71 7.04 7.67 20.36
CA MET B 71 6.01 8.57 19.87
C MET B 71 5.62 9.62 20.92
N PRO B 72 5.20 10.80 20.48
CA PRO B 72 4.72 11.80 21.43
C PRO B 72 3.30 11.47 21.86
N PRO B 73 2.84 12.01 23.00
CA PRO B 73 1.47 11.70 23.45
C PRO B 73 0.45 12.25 22.46
N CYS B 74 -0.45 11.38 22.02
CA CYS B 74 -1.43 11.73 21.00
C CYS B 74 -2.82 11.83 21.62
N ASP B 75 -3.59 12.81 21.14
CA ASP B 75 -4.97 13.00 21.60
C ASP B 75 -5.93 12.02 20.94
N TRP B 76 -5.68 11.70 19.68
CA TRP B 76 -6.43 10.67 18.95
C TRP B 76 -5.45 9.61 18.48
N LEU B 77 -5.80 8.35 18.69
CA LEU B 77 -4.99 7.23 18.21
C LEU B 77 -5.84 6.44 17.22
N LEU B 78 -5.47 6.51 15.95
CA LEU B 78 -6.15 5.77 14.89
C LEU B 78 -5.47 4.42 14.73
N VAL B 79 -6.22 3.36 14.94
CA VAL B 79 -5.68 1.99 14.87
C VAL B 79 -6.14 1.38 13.56
N GLY B 80 -5.22 1.26 12.61
CA GLY B 80 -5.51 0.69 11.31
C GLY B 80 -4.95 -0.69 11.09
N ALA B 81 -4.42 -1.34 12.12
CA ALA B 81 -3.90 -2.69 11.97
C ALA B 81 -5.04 -3.69 11.84
N LYS B 82 -4.70 -4.87 11.35
CA LYS B 82 -5.65 -5.98 11.34
C LYS B 82 -5.98 -6.39 12.77
N THR B 83 -7.18 -6.95 12.95
CA THR B 83 -7.60 -7.35 14.29
C THR B 83 -6.84 -8.55 14.83
N THR B 84 -6.05 -9.22 13.98
CA THR B 84 -5.33 -10.42 14.43
C THR B 84 -4.31 -10.09 15.51
N GLY B 85 -3.63 -8.95 15.39
CA GLY B 85 -2.64 -8.59 16.38
C GLY B 85 -3.11 -7.57 17.40
N ASN B 86 -4.37 -7.69 17.83
CA ASN B 86 -4.99 -6.61 18.59
C ASN B 86 -4.59 -6.61 20.05
N HIS B 87 -4.44 -7.78 20.68
CA HIS B 87 -4.06 -7.77 22.08
C HIS B 87 -2.61 -7.31 22.26
N GLU B 88 -1.72 -7.68 21.32
CA GLU B 88 -0.36 -7.14 21.33
C GLU B 88 -0.32 -5.64 21.07
N LEU B 89 -1.44 -5.04 20.64
CA LEU B 89 -1.45 -3.62 20.33
C LEU B 89 -1.62 -2.77 21.58
N ALA B 90 -2.27 -3.30 22.61
CA ALA B 90 -2.59 -2.51 23.80
C ALA B 90 -1.40 -1.76 24.39
N PRO B 91 -0.23 -2.37 24.62
CA PRO B 91 0.89 -1.59 25.16
C PRO B 91 1.37 -0.50 24.22
N LEU B 92 1.23 -0.69 22.91
CA LEU B 92 1.54 0.38 21.96
C LEU B 92 0.59 1.55 22.14
N ILE B 93 -0.71 1.26 22.24
CA ILE B 93 -1.72 2.29 22.45
C ILE B 93 -1.45 3.03 23.75
N ARG B 94 -1.19 2.30 24.83
CA ARG B 94 -0.93 2.93 26.11
C ARG B 94 0.30 3.83 26.05
N ALA B 95 1.35 3.39 25.35
CA ALA B 95 2.57 4.18 25.28
C ALA B 95 2.37 5.49 24.53
N ALA B 96 1.53 5.47 23.49
CA ALA B 96 1.35 6.63 22.62
C ALA B 96 0.19 7.53 23.03
N ALA B 97 -0.54 7.18 24.09
CA ALA B 97 -1.77 7.89 24.43
C ALA B 97 -1.50 9.01 25.41
N ALA B 98 -2.01 10.21 25.08
CA ALA B 98 -2.07 11.30 26.03
C ALA B 98 -3.17 11.01 27.05
N PRO B 99 -3.18 11.73 28.18
CA PRO B 99 -4.27 11.52 29.14
C PRO B 99 -5.62 11.83 28.52
N GLY B 100 -6.58 10.92 28.71
CA GLY B 100 -7.90 11.09 28.11
C GLY B 100 -7.93 10.94 26.61
N ALA B 101 -6.92 10.34 26.01
CA ALA B 101 -6.89 10.17 24.56
C ALA B 101 -8.10 9.37 24.08
N LYS B 102 -8.45 9.59 22.81
CA LYS B 102 -9.52 8.85 22.16
C LYS B 102 -8.89 7.81 21.24
N VAL B 103 -9.23 6.54 21.47
CA VAL B 103 -8.71 5.42 20.69
C VAL B 103 -9.78 4.98 19.71
N LEU B 104 -9.46 5.06 18.42
CA LEU B 104 -10.40 4.78 17.34
C LEU B 104 -9.90 3.56 16.57
N LEU B 105 -10.62 2.45 16.71
CA LEU B 105 -10.27 1.21 16.02
C LEU B 105 -10.90 1.24 14.63
N LEU B 106 -10.10 1.54 13.62
CA LEU B 106 -10.56 1.50 12.23
C LEU B 106 -10.44 0.06 11.73
N GLN B 107 -11.31 -0.79 12.30
CA GLN B 107 -11.19 -2.22 12.15
C GLN B 107 -12.56 -2.82 11.90
N ASN B 108 -12.58 -3.94 11.19
CA ASN B 108 -13.82 -4.64 10.89
C ASN B 108 -14.08 -5.73 11.93
N GLY B 109 -15.19 -6.44 11.76
CA GLY B 109 -15.54 -7.50 12.68
C GLY B 109 -16.46 -7.02 13.79
N LEU B 110 -16.57 -7.87 14.80
CA LEU B 110 -17.50 -7.67 15.90
C LEU B 110 -16.79 -7.94 17.22
N GLY B 111 -17.15 -7.16 18.25
CA GLY B 111 -16.61 -7.36 19.58
C GLY B 111 -15.19 -6.85 19.77
N VAL B 112 -14.69 -6.06 18.83
CA VAL B 112 -13.28 -5.69 18.81
C VAL B 112 -12.93 -4.79 19.98
N GLU B 113 -13.74 -3.76 20.22
CA GLU B 113 -13.43 -2.83 21.31
C GLU B 113 -13.49 -3.53 22.66
N GLU B 114 -14.50 -4.36 22.88
CA GLU B 114 -14.65 -5.00 24.18
C GLU B 114 -13.51 -5.97 24.48
N ARG B 115 -12.90 -6.55 23.44
CA ARG B 115 -11.76 -7.43 23.68
C ARG B 115 -10.52 -6.65 24.08
N LEU B 116 -10.40 -5.40 23.63
CA LEU B 116 -9.27 -4.55 23.96
C LEU B 116 -9.46 -3.80 25.27
N ARG B 117 -10.70 -3.42 25.58
CA ARG B 117 -10.97 -2.57 26.75
C ARG B 117 -10.28 -3.00 28.05
N PRO B 118 -10.23 -4.29 28.42
CA PRO B 118 -9.57 -4.63 29.69
C PRO B 118 -8.08 -4.36 29.71
N LEU B 119 -7.46 -4.16 28.55
CA LEU B 119 -6.03 -3.89 28.45
C LEU B 119 -5.72 -2.41 28.31
N LEU B 120 -6.73 -1.55 28.34
CA LEU B 120 -6.53 -0.12 28.22
C LEU B 120 -6.99 0.58 29.50
N PRO B 121 -6.37 1.70 29.86
CA PRO B 121 -6.86 2.45 31.02
C PRO B 121 -8.30 2.88 30.81
N GLU B 122 -9.09 2.79 31.88
CA GLU B 122 -10.49 3.17 31.78
C GLU B 122 -10.67 4.67 31.56
N SER B 123 -9.62 5.47 31.74
CA SER B 123 -9.66 6.90 31.48
C SER B 123 -9.53 7.23 30.00
N LEU B 124 -9.29 6.24 29.14
CA LEU B 124 -9.26 6.47 27.71
C LEU B 124 -10.64 6.24 27.11
N HIS B 125 -10.94 6.98 26.05
CA HIS B 125 -12.16 6.78 25.29
C HIS B 125 -11.91 5.76 24.19
N LEU B 126 -12.73 4.73 24.14
CA LEU B 126 -12.61 3.66 23.16
C LEU B 126 -13.74 3.77 22.15
N LEU B 127 -13.39 3.97 20.89
CA LEU B 127 -14.33 4.16 19.81
C LEU B 127 -14.02 3.19 18.67
N GLY B 128 -15.03 2.93 17.85
CA GLY B 128 -14.88 2.11 16.66
C GLY B 128 -15.17 2.93 15.41
N GLY B 129 -14.41 2.68 14.36
CA GLY B 129 -14.66 3.31 13.09
C GLY B 129 -14.88 2.29 12.00
N LEU B 130 -16.10 2.18 11.48
CA LEU B 130 -16.39 1.26 10.39
C LEU B 130 -16.11 1.96 9.08
N CYS B 131 -15.05 1.54 8.41
CA CYS B 131 -14.61 2.15 7.17
C CYS B 131 -15.20 1.36 6.00
N PHE B 132 -15.97 2.05 5.16
N PHE B 132 -16.01 2.03 5.19
CA PHE B 132 -16.46 1.49 3.90
CA PHE B 132 -16.44 1.47 3.91
C PHE B 132 -15.56 2.04 2.81
C PHE B 132 -15.54 2.05 2.83
N ILE B 133 -14.53 1.28 2.43
CA ILE B 133 -13.49 1.80 1.55
C ILE B 133 -12.84 0.64 0.79
N CYS B 134 -12.53 0.89 -0.48
CA CYS B 134 -11.73 -0.02 -1.31
C CYS B 134 -10.31 0.55 -1.34
N VAL B 135 -9.41 -0.07 -0.58
CA VAL B 135 -8.04 0.40 -0.50
C VAL B 135 -7.13 -0.81 -0.29
N HIS B 136 -5.89 -0.71 -0.76
CA HIS B 136 -4.92 -1.76 -0.54
C HIS B 136 -3.52 -1.18 -0.67
N ARG B 137 -2.56 -1.88 -0.08
CA ARG B 137 -1.16 -1.51 -0.23
C ARG B 137 -0.66 -1.88 -1.63
N GLY B 138 0.12 -0.99 -2.23
CA GLY B 138 0.80 -1.31 -3.46
C GLY B 138 2.23 -1.72 -3.18
N GLU B 139 3.20 -1.01 -3.78
CA GLU B 139 4.59 -1.17 -3.40
C GLU B 139 4.76 -0.66 -1.97
N PRO B 140 5.91 -0.85 -1.32
CA PRO B 140 6.07 -0.31 0.03
C PRO B 140 5.92 1.21 0.04
N GLY B 141 5.16 1.70 1.01
CA GLY B 141 4.92 3.12 1.14
C GLY B 141 3.87 3.69 0.20
N VAL B 142 3.22 2.86 -0.61
CA VAL B 142 2.27 3.33 -1.61
C VAL B 142 0.91 2.74 -1.31
N ILE B 143 -0.11 3.61 -1.31
CA ILE B 143 -1.48 3.27 -0.96
C ILE B 143 -2.32 3.41 -2.22
N GLU B 144 -2.96 2.31 -2.63
CA GLU B 144 -3.83 2.30 -3.80
C GLU B 144 -5.27 2.40 -3.33
N HIS B 145 -5.93 3.51 -3.66
CA HIS B 145 -7.31 3.76 -3.23
C HIS B 145 -8.21 3.74 -4.45
N GLN B 146 -9.16 2.79 -4.46
CA GLN B 146 -10.03 2.56 -5.61
C GLN B 146 -11.37 3.29 -5.50
N ALA B 147 -12.01 3.30 -4.33
CA ALA B 147 -13.37 3.82 -4.23
C ALA B 147 -13.76 4.01 -2.77
N TYR B 148 -14.80 4.80 -2.57
CA TYR B 148 -15.45 5.04 -1.27
C TYR B 148 -14.43 5.61 -0.29
N GLY B 149 -14.60 5.34 1.01
CA GLY B 149 -13.71 5.87 2.02
C GLY B 149 -14.40 6.39 3.27
N GLY B 150 -15.73 6.36 3.30
CA GLY B 150 -16.45 6.89 4.43
C GLY B 150 -16.25 6.08 5.70
N VAL B 151 -16.35 6.76 6.84
CA VAL B 151 -16.13 6.16 8.15
C VAL B 151 -17.32 6.46 9.06
N ASN B 152 -17.98 5.42 9.56
CA ASN B 152 -19.02 5.56 10.57
C ASN B 152 -18.41 5.31 11.94
N LEU B 153 -18.43 6.33 12.81
CA LEU B 153 -17.81 6.24 14.13
C LEU B 153 -18.86 5.99 15.21
N GLY B 154 -18.47 5.22 16.22
CA GLY B 154 -19.32 4.98 17.37
C GLY B 154 -18.49 4.86 18.62
N TYR B 155 -19.13 5.14 19.76
CA TYR B 155 -18.47 5.12 21.07
C TYR B 155 -18.71 3.78 21.75
N HIS B 156 -17.65 3.18 22.30
CA HIS B 156 -17.80 1.94 23.04
C HIS B 156 -17.71 2.13 24.55
N SER B 157 -16.64 2.73 25.04
CA SER B 157 -16.42 2.81 26.48
C SER B 157 -15.45 3.93 26.80
N GLY B 158 -15.50 4.38 28.04
CA GLY B 158 -14.64 5.44 28.51
C GLY B 158 -15.32 6.31 29.55
N PRO B 159 -14.62 7.33 30.04
CA PRO B 159 -15.11 8.15 31.14
C PRO B 159 -15.97 9.34 30.70
N ALA B 160 -16.88 9.10 29.78
CA ALA B 160 -17.73 10.18 29.26
C ALA B 160 -19.19 9.89 29.58
N ASP B 161 -19.92 10.91 30.00
CA ASP B 161 -21.37 10.79 30.07
C ASP B 161 -21.95 10.86 28.66
N GLU B 162 -23.27 10.76 28.54
CA GLU B 162 -23.83 10.63 27.19
C GLU B 162 -23.66 11.93 26.39
N ARG B 163 -23.78 13.08 27.04
CA ARG B 163 -23.53 14.32 26.33
C ARG B 163 -22.11 14.34 25.76
N ARG B 164 -21.13 13.99 26.59
CA ARG B 164 -19.74 13.99 26.15
C ARG B 164 -19.47 12.94 25.09
N ARG B 165 -20.15 11.79 25.18
CA ARG B 165 -19.97 10.75 24.16
C ARG B 165 -20.36 11.28 22.79
N ARG B 166 -21.51 11.96 22.69
CA ARG B 166 -21.92 12.53 21.42
C ARG B 166 -20.89 13.56 20.92
N GLU B 167 -20.39 14.39 21.83
CA GLU B 167 -19.38 15.37 21.45
C GLU B 167 -18.13 14.71 20.89
N ILE B 168 -17.68 13.63 21.53
CA ILE B 168 -16.45 12.98 21.10
C ILE B 168 -16.66 12.29 19.75
N VAL B 169 -17.79 11.60 19.56
CA VAL B 169 -18.03 10.93 18.29
C VAL B 169 -18.16 11.96 17.17
N GLU B 170 -18.84 13.08 17.42
CA GLU B 170 -18.96 14.10 16.39
C GLU B 170 -17.61 14.77 16.11
N GLU B 171 -16.79 14.93 17.15
CA GLU B 171 -15.44 15.44 16.97
C GLU B 171 -14.62 14.54 16.07
N GLY B 172 -14.74 13.22 16.25
CA GLY B 172 -14.03 12.30 15.38
C GLY B 172 -14.51 12.38 13.95
N ALA B 173 -15.83 12.41 13.74
CA ALA B 173 -16.38 12.53 12.40
C ALA B 173 -15.93 13.82 11.74
N ALA B 174 -15.80 14.90 12.52
CA ALA B 174 -15.37 16.18 11.97
C ALA B 174 -13.92 16.11 11.48
N LEU B 175 -13.08 15.33 12.18
CA LEU B 175 -11.71 15.11 11.71
C LEU B 175 -11.68 14.62 10.27
N PHE B 176 -12.51 13.62 9.96
CA PHE B 176 -12.52 13.03 8.63
C PHE B 176 -13.21 13.95 7.63
N ARG B 177 -14.31 14.59 8.03
CA ARG B 177 -15.02 15.50 7.14
C ARG B 177 -14.14 16.66 6.70
N GLU B 178 -13.43 17.28 7.64
CA GLU B 178 -12.57 18.40 7.28
C GLU B 178 -11.39 17.97 6.42
N SER B 179 -11.14 16.67 6.33
CA SER B 179 -10.09 16.10 5.48
C SER B 179 -10.62 15.72 4.10
N GLY B 180 -11.89 15.95 3.82
CA GLY B 180 -12.47 15.62 2.53
C GLY B 180 -13.11 14.26 2.45
N LEU B 181 -13.33 13.59 3.57
CA LEU B 181 -13.90 12.25 3.61
C LEU B 181 -15.30 12.28 4.22
N GLU B 182 -16.13 11.34 3.79
CA GLU B 182 -17.44 11.17 4.38
C GLU B 182 -17.33 10.54 5.76
N SER B 183 -18.09 11.06 6.71
CA SER B 183 -18.13 10.47 8.05
C SER B 183 -19.46 10.77 8.72
N THR B 184 -19.95 9.81 9.50
CA THR B 184 -21.19 9.95 10.24
C THR B 184 -20.97 9.52 11.68
N ALA B 185 -21.51 10.30 12.61
CA ALA B 185 -21.51 9.92 14.01
C ALA B 185 -22.64 8.92 14.26
N MET B 186 -22.29 7.70 14.66
CA MET B 186 -23.36 6.72 14.86
C MET B 186 -23.79 6.70 16.32
N PRO B 187 -25.09 6.55 16.58
CA PRO B 187 -25.54 6.49 17.98
C PRO B 187 -25.26 5.17 18.66
N ASP B 188 -24.99 4.10 17.90
CA ASP B 188 -24.86 2.74 18.45
C ASP B 188 -23.75 2.02 17.72
N LEU B 189 -22.60 1.85 18.38
CA LEU B 189 -21.44 1.26 17.73
C LEU B 189 -21.71 -0.19 17.34
N GLU B 190 -22.35 -0.96 18.21
CA GLU B 190 -22.56 -2.37 17.87
C GLU B 190 -23.52 -2.52 16.70
N GLN B 191 -24.56 -1.68 16.65
CA GLN B 191 -25.42 -1.67 15.48
C GLN B 191 -24.62 -1.41 14.22
N ALA B 192 -23.69 -0.46 14.27
CA ALA B 192 -22.87 -0.13 13.11
C ALA B 192 -21.95 -1.30 12.74
N ARG B 193 -21.41 -2.00 13.73
CA ARG B 193 -20.53 -3.13 13.44
C ARG B 193 -21.32 -4.26 12.78
N TRP B 194 -22.54 -4.54 13.24
CA TRP B 194 -23.37 -5.55 12.58
C TRP B 194 -23.66 -5.15 11.14
N GLN B 195 -23.86 -3.85 10.89
CA GLN B 195 -24.09 -3.39 9.53
C GLN B 195 -22.90 -3.69 8.63
N LYS B 196 -21.69 -3.36 9.08
CA LYS B 196 -20.51 -3.65 8.27
C LYS B 196 -20.31 -5.15 8.09
N LEU B 197 -20.68 -5.96 9.09
CA LEU B 197 -20.55 -7.40 8.97
C LEU B 197 -21.37 -7.95 7.81
N VAL B 198 -22.49 -7.31 7.47
CA VAL B 198 -23.30 -7.78 6.36
C VAL B 198 -22.50 -7.75 5.07
N TRP B 199 -21.51 -6.87 4.97
CA TRP B 199 -20.64 -6.85 3.79
C TRP B 199 -19.43 -7.78 3.96
N ASN B 200 -18.69 -7.68 5.07
CA ASN B 200 -17.44 -8.40 5.18
C ASN B 200 -17.65 -9.91 5.23
N ILE B 201 -18.70 -10.38 5.89
CA ILE B 201 -18.87 -11.82 6.09
C ILE B 201 -19.01 -12.57 4.77
N PRO B 202 -19.88 -12.17 3.83
CA PRO B 202 -19.91 -12.86 2.54
C PRO B 202 -18.71 -12.54 1.66
N TYR B 203 -18.35 -11.26 1.52
CA TYR B 203 -17.39 -10.91 0.48
C TYR B 203 -15.96 -11.29 0.85
N ASN B 204 -15.55 -11.07 2.11
CA ASN B 204 -14.19 -11.45 2.49
C ASN B 204 -14.00 -12.96 2.34
N GLY B 205 -14.91 -13.75 2.90
CA GLY B 205 -14.75 -15.20 2.87
C GLY B 205 -14.90 -15.78 1.48
N LEU B 206 -15.95 -15.38 0.76
CA LEU B 206 -16.17 -15.93 -0.59
C LEU B 206 -15.02 -15.56 -1.52
N SER B 207 -14.45 -14.36 -1.38
CA SER B 207 -13.35 -13.98 -2.25
C SER B 207 -12.18 -14.92 -2.09
N VAL B 208 -11.97 -15.44 -0.88
CA VAL B 208 -10.91 -16.42 -0.65
C VAL B 208 -11.36 -17.81 -1.13
N LEU B 209 -12.56 -18.22 -0.75
CA LEU B 209 -13.03 -19.58 -1.04
C LEU B 209 -13.25 -19.79 -2.53
N LEU B 210 -13.76 -18.79 -3.23
CA LEU B 210 -13.99 -18.87 -4.67
C LEU B 210 -12.88 -18.23 -5.49
N LYS B 211 -11.81 -17.75 -4.84
CA LYS B 211 -10.65 -17.16 -5.50
C LYS B 211 -11.08 -16.13 -6.55
N SER B 212 -11.88 -15.16 -6.09
CA SER B 212 -12.56 -14.24 -6.98
C SER B 212 -12.66 -12.88 -6.32
N SER B 213 -12.86 -11.86 -7.14
CA SER B 213 -13.07 -10.50 -6.66
C SER B 213 -14.55 -10.14 -6.79
N THR B 214 -14.88 -8.90 -6.46
CA THR B 214 -16.29 -8.52 -6.31
C THR B 214 -17.05 -8.60 -7.64
N ALA B 215 -16.44 -8.15 -8.74
CA ALA B 215 -17.17 -8.08 -10.00
C ALA B 215 -17.61 -9.45 -10.52
N PRO B 216 -16.74 -10.47 -10.59
CA PRO B 216 -17.24 -11.79 -11.02
C PRO B 216 -18.21 -12.41 -10.01
N LEU B 217 -18.04 -12.12 -8.72
CA LEU B 217 -19.02 -12.59 -7.74
C LEU B 217 -20.38 -11.96 -7.97
N MET B 218 -20.41 -10.69 -8.40
CA MET B 218 -21.68 -10.04 -8.66
C MET B 218 -22.22 -10.39 -10.04
N ALA B 219 -21.34 -10.74 -10.99
CA ALA B 219 -21.77 -11.03 -12.34
C ALA B 219 -22.41 -12.41 -12.47
N ASN B 220 -22.18 -13.30 -11.51
CA ASN B 220 -22.68 -14.67 -11.60
C ASN B 220 -23.91 -14.84 -10.71
N ALA B 221 -25.01 -15.29 -11.31
CA ALA B 221 -26.28 -15.35 -10.58
C ALA B 221 -26.19 -16.25 -9.34
N ASP B 222 -25.38 -17.30 -9.40
CA ASP B 222 -25.31 -18.23 -8.28
C ASP B 222 -24.51 -17.65 -7.13
N SER B 223 -23.38 -17.00 -7.42
CA SER B 223 -22.64 -16.33 -6.36
C SER B 223 -23.45 -15.18 -5.79
N ARG B 224 -24.20 -14.47 -6.63
CA ARG B 224 -25.04 -13.37 -6.13
C ARG B 224 -26.10 -13.89 -5.17
N SER B 225 -26.71 -15.04 -5.52
CA SER B 225 -27.71 -15.65 -4.67
C SER B 225 -27.13 -16.05 -3.33
N LEU B 226 -25.95 -16.69 -3.36
CA LEU B 226 -25.28 -17.08 -2.12
C LEU B 226 -24.95 -15.88 -1.24
N ILE B 227 -24.42 -14.81 -1.86
CA ILE B 227 -24.11 -13.60 -1.11
C ILE B 227 -25.35 -13.07 -0.40
N GLU B 228 -26.47 -12.98 -1.13
CA GLU B 228 -27.71 -12.50 -0.54
C GLU B 228 -28.16 -13.39 0.61
N ALA B 229 -28.08 -14.71 0.45
CA ALA B 229 -28.48 -15.61 1.52
C ALA B 229 -27.61 -15.43 2.76
N ILE B 230 -26.29 -15.30 2.57
CA ILE B 230 -25.41 -15.05 3.71
C ILE B 230 -25.75 -13.72 4.38
N MET B 231 -25.99 -12.69 3.57
CA MET B 231 -26.40 -11.39 4.11
C MET B 231 -27.64 -11.53 4.99
N GLU B 232 -28.62 -12.31 4.54
CA GLU B 232 -29.84 -12.46 5.35
C GLU B 232 -29.58 -13.23 6.63
N GLU B 233 -28.58 -14.11 6.64
CA GLU B 233 -28.17 -14.76 7.88
C GLU B 233 -27.59 -13.75 8.86
N VAL B 234 -26.74 -12.85 8.37
CA VAL B 234 -26.13 -11.84 9.24
C VAL B 234 -27.21 -10.89 9.76
N ILE B 235 -28.10 -10.43 8.88
CA ILE B 235 -29.20 -9.58 9.29
C ILE B 235 -30.08 -10.28 10.32
N GLY B 236 -30.39 -11.56 10.07
CA GLY B 236 -31.20 -12.29 11.03
C GLY B 236 -30.53 -12.42 12.38
N ALA B 237 -29.23 -12.70 12.37
CA ALA B 237 -28.48 -12.82 13.62
C ALA B 237 -28.48 -11.51 14.37
N ALA B 238 -28.22 -10.40 13.67
CA ALA B 238 -28.27 -9.08 14.30
C ALA B 238 -29.60 -8.83 14.97
N GLY B 239 -30.70 -9.16 14.28
CA GLY B 239 -32.01 -9.01 14.88
C GLY B 239 -32.18 -9.85 16.12
N ALA B 240 -31.69 -11.09 16.10
CA ALA B 240 -31.76 -11.95 17.26
C ALA B 240 -31.04 -11.34 18.47
N CYS B 241 -29.96 -10.60 18.23
CA CYS B 241 -29.20 -9.96 19.30
C CYS B 241 -29.73 -8.57 19.64
N GLY B 242 -30.84 -8.15 19.04
CA GLY B 242 -31.48 -6.91 19.39
C GLY B 242 -31.25 -5.74 18.46
N PHE B 243 -30.66 -5.97 17.28
CA PHE B 243 -30.34 -4.91 16.33
C PHE B 243 -31.11 -5.14 15.04
N ILE B 244 -32.07 -4.28 14.76
CA ILE B 244 -32.79 -4.30 13.49
C ILE B 244 -32.04 -3.42 12.50
N LEU B 245 -31.61 -4.01 11.38
CA LEU B 245 -30.84 -3.31 10.37
C LEU B 245 -31.77 -2.60 9.39
N PRO B 246 -31.25 -1.62 8.62
CA PRO B 246 -32.13 -0.81 7.77
C PRO B 246 -32.93 -1.65 6.77
N GLU B 247 -34.04 -1.08 6.33
CA GLU B 247 -34.89 -1.74 5.35
C GLU B 247 -34.12 -2.02 4.06
N GLY B 248 -34.32 -3.21 3.52
CA GLY B 248 -33.63 -3.60 2.29
C GLY B 248 -32.13 -3.39 2.34
N TYR B 249 -31.51 -3.77 3.46
CA TYR B 249 -30.09 -3.44 3.63
C TYR B 249 -29.22 -4.31 2.73
N ALA B 250 -29.60 -5.57 2.52
CA ALA B 250 -28.84 -6.43 1.61
C ALA B 250 -28.82 -5.83 0.21
N ASP B 251 -29.98 -5.42 -0.29
CA ASP B 251 -30.05 -4.80 -1.61
C ASP B 251 -29.20 -3.53 -1.70
N GLN B 252 -29.17 -2.74 -0.62
CA GLN B 252 -28.33 -1.55 -0.60
C GLN B 252 -26.86 -1.91 -0.79
N LEU B 253 -26.39 -2.93 -0.06
CA LEU B 253 -25.00 -3.33 -0.16
C LEU B 253 -24.73 -4.02 -1.50
N LEU B 254 -25.67 -4.84 -1.96
CA LEU B 254 -25.52 -5.45 -3.27
C LEU B 254 -25.44 -4.39 -4.36
N ALA B 255 -26.27 -3.36 -4.27
CA ALA B 255 -26.22 -2.27 -5.23
C ALA B 255 -24.91 -1.50 -5.12
N ALA B 256 -24.43 -1.26 -3.90
CA ALA B 256 -23.16 -0.57 -3.71
C ALA B 256 -22.01 -1.39 -4.30
N THR B 257 -22.09 -2.71 -4.21
CA THR B 257 -21.04 -3.55 -4.75
C THR B 257 -21.14 -3.69 -6.26
N GLU B 258 -22.35 -3.64 -6.82
CA GLU B 258 -22.49 -3.58 -8.27
C GLU B 258 -21.77 -2.37 -8.84
N ARG B 259 -22.00 -1.20 -8.24
CA ARG B 259 -21.34 0.04 -8.65
C ARG B 259 -19.85 0.02 -8.32
N MET B 260 -19.43 -0.86 -7.41
CA MET B 260 -18.05 -0.91 -6.98
C MET B 260 -17.15 -1.36 -8.12
N PRO B 261 -15.97 -0.76 -8.26
CA PRO B 261 -14.99 -1.31 -9.20
C PRO B 261 -14.50 -2.67 -8.70
N ASP B 262 -14.02 -3.47 -9.64
CA ASP B 262 -13.60 -4.83 -9.30
C ASP B 262 -12.53 -4.78 -8.20
N TYR B 263 -12.85 -5.38 -7.06
CA TYR B 263 -12.08 -5.16 -5.85
C TYR B 263 -11.84 -6.47 -5.10
N ARG B 264 -10.61 -6.65 -4.64
CA ARG B 264 -10.25 -7.79 -3.81
C ARG B 264 -10.29 -7.38 -2.35
N PRO B 265 -11.15 -7.98 -1.53
CA PRO B 265 -11.15 -7.66 -0.11
C PRO B 265 -9.80 -7.94 0.54
N SER B 266 -9.58 -7.33 1.70
CA SER B 266 -8.30 -7.49 2.38
C SER B 266 -8.01 -8.94 2.72
N MET B 267 -9.05 -9.74 3.00
CA MET B 267 -8.83 -11.14 3.34
C MET B 267 -8.30 -11.91 2.13
N TYR B 268 -8.74 -11.56 0.93
CA TYR B 268 -8.15 -12.13 -0.28
C TYR B 268 -6.65 -11.88 -0.32
N HIS B 269 -6.24 -10.64 -0.05
CA HIS B 269 -4.82 -10.31 -0.05
C HIS B 269 -4.07 -11.10 1.01
N ASP B 270 -4.63 -11.20 2.22
CA ASP B 270 -3.97 -11.92 3.31
C ASP B 270 -3.71 -13.36 2.94
N PHE B 271 -4.73 -14.04 2.41
CA PHE B 271 -4.59 -15.45 2.06
C PHE B 271 -3.56 -15.64 0.94
N ALA B 272 -3.57 -14.75 -0.05
CA ALA B 272 -2.62 -14.87 -1.15
C ALA B 272 -1.18 -14.81 -0.66
N HIS B 273 -0.92 -14.01 0.37
CA HIS B 273 0.42 -13.84 0.90
C HIS B 273 0.69 -14.68 2.14
N GLY B 274 -0.25 -15.53 2.54
CA GLY B 274 -0.04 -16.39 3.68
C GLY B 274 -0.19 -15.71 5.03
N ARG B 275 -0.65 -14.47 5.06
CA ARG B 275 -0.86 -13.77 6.32
C ARG B 275 -2.10 -14.31 7.04
N PRO B 276 -2.15 -14.21 8.36
CA PRO B 276 -3.30 -14.76 9.09
C PRO B 276 -4.60 -14.03 8.72
N LEU B 277 -5.66 -14.80 8.59
CA LEU B 277 -6.96 -14.23 8.23
C LEU B 277 -7.66 -13.72 9.48
N GLU B 278 -8.46 -12.67 9.29
CA GLU B 278 -9.21 -12.05 10.39
C GLU B 278 -10.46 -12.85 10.73
N LEU B 279 -10.33 -14.16 10.94
CA LEU B 279 -11.50 -15.00 11.17
C LEU B 279 -12.13 -14.75 12.53
N ALA B 280 -11.30 -14.50 13.55
CA ALA B 280 -11.82 -14.41 14.92
C ALA B 280 -12.82 -13.27 15.05
N ALA B 281 -12.50 -12.10 14.50
CA ALA B 281 -13.38 -10.95 14.66
C ALA B 281 -14.51 -10.93 13.64
N ILE B 282 -14.30 -11.48 12.44
CA ILE B 282 -15.31 -11.38 11.40
C ILE B 282 -16.28 -12.58 11.40
N TYR B 283 -15.83 -13.76 11.83
CA TYR B 283 -16.69 -14.94 11.85
C TYR B 283 -16.93 -15.49 13.24
N ALA B 284 -15.87 -15.76 14.02
CA ALA B 284 -16.05 -16.45 15.29
C ALA B 284 -16.93 -15.63 16.25
N ALA B 285 -16.64 -14.34 16.39
CA ALA B 285 -17.41 -13.51 17.32
C ALA B 285 -18.88 -13.40 16.92
N PRO B 286 -19.24 -13.11 15.66
CA PRO B 286 -20.68 -13.12 15.30
C PRO B 286 -21.34 -14.47 15.51
N LEU B 287 -20.64 -15.57 15.19
CA LEU B 287 -21.24 -16.88 15.39
C LEU B 287 -21.47 -17.17 16.87
N ALA B 288 -20.59 -16.65 17.73
CA ALA B 288 -20.77 -16.85 19.18
C ALA B 288 -21.91 -15.99 19.71
N ARG B 289 -22.00 -14.73 19.25
CA ARG B 289 -23.11 -13.89 19.68
C ARG B 289 -24.44 -14.47 19.22
N ALA B 290 -24.49 -14.94 17.97
CA ALA B 290 -25.72 -15.55 17.46
C ALA B 290 -26.06 -16.82 18.24
N ALA B 291 -25.06 -17.64 18.56
CA ALA B 291 -25.30 -18.85 19.34
C ALA B 291 -25.84 -18.50 20.73
N ALA B 292 -25.28 -17.48 21.37
CA ALA B 292 -25.76 -17.07 22.68
C ALA B 292 -27.19 -16.54 22.62
N ALA B 293 -27.60 -16.01 21.47
CA ALA B 293 -28.97 -15.57 21.27
C ALA B 293 -29.88 -16.68 20.78
N GLY B 294 -29.35 -17.89 20.58
CA GLY B 294 -30.16 -18.97 20.06
C GLY B 294 -30.44 -18.86 18.57
N TYR B 295 -29.59 -18.19 17.82
CA TYR B 295 -29.78 -18.01 16.39
C TYR B 295 -28.66 -18.72 15.64
N ARG B 296 -29.05 -19.54 14.67
CA ARG B 296 -28.12 -20.33 13.89
C ARG B 296 -27.84 -19.64 12.55
N MET B 297 -26.57 -19.61 12.15
CA MET B 297 -26.14 -19.05 10.87
C MET B 297 -25.42 -20.14 10.09
N PRO B 298 -26.15 -21.14 9.58
CA PRO B 298 -25.47 -22.32 9.00
C PRO B 298 -24.54 -21.99 7.84
N ARG B 299 -24.94 -21.10 6.93
CA ARG B 299 -24.06 -20.76 5.82
C ARG B 299 -22.79 -20.08 6.32
N VAL B 300 -22.93 -19.13 7.26
CA VAL B 300 -21.74 -18.47 7.80
C VAL B 300 -20.88 -19.46 8.57
N GLU B 301 -21.51 -20.31 9.38
CA GLU B 301 -20.79 -21.35 10.11
C GLU B 301 -19.97 -22.22 9.15
N ALA B 302 -20.59 -22.64 8.05
CA ALA B 302 -19.90 -23.47 7.07
C ALA B 302 -18.78 -22.70 6.37
N LEU B 303 -19.03 -21.44 6.04
CA LEU B 303 -17.99 -20.62 5.42
C LEU B 303 -16.78 -20.49 6.33
N HIS B 304 -17.02 -20.25 7.62
CA HIS B 304 -15.92 -20.16 8.59
C HIS B 304 -15.13 -21.46 8.64
N GLN B 305 -15.83 -22.60 8.67
CA GLN B 305 -15.14 -23.89 8.68
C GLN B 305 -14.29 -24.08 7.42
N ALA B 306 -14.82 -23.69 6.26
CA ALA B 306 -14.05 -23.80 5.03
C ALA B 306 -12.80 -22.93 5.07
N LEU B 307 -12.93 -21.70 5.59
CA LEU B 307 -11.79 -20.80 5.68
C LEU B 307 -10.75 -21.35 6.65
N ARG B 308 -11.18 -21.87 7.80
CA ARG B 308 -10.25 -22.50 8.72
C ARG B 308 -9.54 -23.68 8.06
N PHE B 309 -10.26 -24.45 7.24
CA PHE B 309 -9.63 -25.57 6.55
C PHE B 309 -8.56 -25.08 5.57
N LEU B 310 -8.90 -24.07 4.76
CA LEU B 310 -7.94 -23.58 3.78
C LEU B 310 -6.68 -23.02 4.44
N GLU B 311 -6.85 -22.33 5.58
CA GLU B 311 -5.69 -21.78 6.29
C GLU B 311 -4.74 -22.88 6.77
N ALA B 312 -5.28 -24.05 7.10
CA ALA B 312 -4.47 -25.14 7.61
C ALA B 312 -3.75 -25.92 6.51
N GLN B 313 -4.07 -25.68 5.25
CA GLN B 313 -3.42 -26.44 4.19
C GLN B 313 -2.06 -25.83 3.85
N PRO B 314 -1.11 -26.65 3.37
CA PRO B 314 0.25 -26.16 3.08
C PRO B 314 0.33 -25.33 1.79
N GLN C 6 -7.76 31.45 -19.39
CA GLN C 6 -7.36 32.13 -20.61
C GLN C 6 -6.36 31.31 -21.43
N ARG C 7 -5.33 30.78 -20.77
CA ARG C 7 -4.28 30.06 -21.47
C ARG C 7 -4.64 28.58 -21.59
N ILE C 8 -4.68 28.09 -22.83
CA ILE C 8 -5.15 26.75 -23.15
C ILE C 8 -3.98 25.93 -23.68
N GLY C 9 -3.81 24.73 -23.14
CA GLY C 9 -2.89 23.75 -23.69
C GLY C 9 -3.67 22.59 -24.30
N VAL C 10 -3.18 22.09 -25.43
CA VAL C 10 -3.81 20.97 -26.13
C VAL C 10 -2.83 19.81 -26.08
N ILE C 11 -3.19 18.76 -25.35
CA ILE C 11 -2.35 17.59 -25.17
C ILE C 11 -2.87 16.51 -26.12
N GLY C 12 -2.22 16.35 -27.26
CA GLY C 12 -2.68 15.43 -28.28
C GLY C 12 -3.49 16.19 -29.32
N THR C 13 -2.83 16.58 -30.41
CA THR C 13 -3.46 17.42 -31.43
C THR C 13 -3.87 16.58 -32.63
N GLY C 14 -4.80 15.67 -32.41
CA GLY C 14 -5.38 14.89 -33.48
C GLY C 14 -6.46 15.68 -34.20
N ALA C 15 -7.45 14.98 -34.74
CA ALA C 15 -8.59 15.67 -35.32
C ALA C 15 -9.35 16.46 -34.25
N ILE C 16 -9.48 15.89 -33.05
CA ILE C 16 -10.27 16.50 -31.99
C ILE C 16 -9.51 17.66 -31.34
N GLY C 17 -8.29 17.40 -30.88
CA GLY C 17 -7.50 18.47 -30.29
C GLY C 17 -7.23 19.60 -31.27
N GLY C 18 -6.91 19.24 -32.52
CA GLY C 18 -6.71 20.26 -33.54
C GLY C 18 -7.94 21.11 -33.77
N PHE C 19 -9.09 20.47 -33.92
CA PHE C 19 -10.33 21.22 -34.19
C PHE C 19 -10.65 22.18 -33.05
N TYR C 20 -10.72 21.65 -31.83
CA TYR C 20 -11.13 22.49 -30.71
C TYR C 20 -10.06 23.50 -30.34
N GLY C 21 -8.79 23.12 -30.46
CA GLY C 21 -7.71 24.08 -30.25
C GLY C 21 -7.77 25.22 -31.23
N LEU C 22 -7.88 24.90 -32.52
CA LEU C 22 -7.97 25.93 -33.54
C LEU C 22 -9.18 26.84 -33.31
N MET C 23 -10.34 26.25 -33.00
CA MET C 23 -11.55 27.04 -32.82
C MET C 23 -11.39 28.02 -31.67
N LEU C 24 -10.79 27.58 -30.56
CA LEU C 24 -10.56 28.48 -29.44
C LEU C 24 -9.55 29.56 -29.81
N ALA C 25 -8.47 29.19 -30.50
CA ALA C 25 -7.47 30.19 -30.89
C ALA C 25 -8.09 31.22 -31.83
N HIS C 26 -9.01 30.81 -32.69
CA HIS C 26 -9.65 31.77 -33.58
C HIS C 26 -10.58 32.72 -32.85
N ALA C 27 -11.05 32.35 -31.65
CA ALA C 27 -11.86 33.25 -30.85
C ALA C 27 -11.03 34.21 -30.01
N GLY C 28 -9.71 34.17 -30.13
CA GLY C 28 -8.84 35.05 -29.39
C GLY C 28 -8.16 34.42 -28.19
N HIS C 29 -8.30 33.11 -27.99
CA HIS C 29 -7.65 32.49 -26.85
C HIS C 29 -6.18 32.17 -27.18
N ASP C 30 -5.39 32.09 -26.12
CA ASP C 30 -3.96 31.79 -26.20
C ASP C 30 -3.80 30.28 -26.09
N VAL C 31 -3.61 29.60 -27.22
CA VAL C 31 -3.64 28.15 -27.29
C VAL C 31 -2.28 27.61 -27.67
N HIS C 32 -1.78 26.67 -26.87
CA HIS C 32 -0.48 26.04 -27.08
C HIS C 32 -0.71 24.55 -27.35
N PHE C 33 -0.22 24.07 -28.50
CA PHE C 33 -0.49 22.72 -28.96
C PHE C 33 0.73 21.83 -28.69
N LEU C 34 0.52 20.74 -27.98
CA LEU C 34 1.52 19.68 -27.91
C LEU C 34 1.25 18.67 -29.03
N LEU C 35 2.22 18.53 -29.92
CA LEU C 35 2.11 17.61 -31.05
C LEU C 35 3.20 16.55 -30.92
N ARG C 36 2.85 15.32 -31.31
CA ARG C 36 3.80 14.21 -31.28
C ARG C 36 4.15 13.82 -32.70
N SER C 37 3.24 13.10 -33.35
CA SER C 37 3.26 12.98 -34.80
C SER C 37 2.36 14.08 -35.35
N GLU C 38 2.96 15.01 -36.10
CA GLU C 38 2.38 16.18 -36.77
C GLU C 38 3.26 17.41 -36.62
N PHE C 39 4.23 17.36 -35.69
CA PHE C 39 4.85 18.58 -35.20
C PHE C 39 5.45 19.41 -36.33
N GLU C 40 6.35 18.81 -37.10
CA GLU C 40 7.04 19.59 -38.13
C GLU C 40 6.05 20.17 -39.11
N ALA C 41 5.19 19.33 -39.69
CA ALA C 41 4.14 19.81 -40.59
C ALA C 41 3.43 21.03 -40.03
N VAL C 42 3.02 20.94 -38.76
CA VAL C 42 2.19 22.01 -38.19
C VAL C 42 3.01 23.27 -37.93
N ASN C 43 4.26 23.14 -37.48
CA ASN C 43 4.97 24.39 -37.23
C ASN C 43 5.64 24.97 -38.47
N ARG C 44 5.94 24.17 -39.50
CA ARG C 44 6.33 24.77 -40.77
C ARG C 44 5.14 25.50 -41.39
N ALA C 45 4.04 24.77 -41.63
CA ALA C 45 2.94 25.26 -42.45
C ALA C 45 1.68 25.61 -41.66
N GLY C 46 1.65 25.37 -40.36
CA GLY C 46 0.46 25.70 -39.60
C GLY C 46 -0.58 24.60 -39.61
N LEU C 47 -1.77 24.98 -39.17
CA LEU C 47 -2.92 24.09 -39.12
C LEU C 47 -4.05 24.67 -39.95
N SER C 48 -4.72 23.83 -40.72
CA SER C 48 -5.81 24.24 -41.59
C SER C 48 -7.08 23.48 -41.25
N LEU C 49 -8.22 24.14 -41.37
CA LEU C 49 -9.51 23.53 -41.08
C LEU C 49 -10.44 23.73 -42.28
N ASN C 50 -10.88 22.62 -42.88
CA ASN C 50 -11.93 22.62 -43.89
C ASN C 50 -13.23 22.27 -43.18
N SER C 51 -14.08 23.26 -42.94
CA SER C 51 -15.28 23.06 -42.16
C SER C 51 -16.54 23.37 -42.97
N ALA C 52 -17.46 22.40 -43.00
CA ALA C 52 -18.77 22.65 -43.58
C ALA C 52 -19.60 23.61 -42.74
N VAL C 53 -19.25 23.79 -41.47
CA VAL C 53 -19.97 24.67 -40.57
C VAL C 53 -19.31 26.04 -40.45
N HIS C 54 -18.00 26.08 -40.29
CA HIS C 54 -17.29 27.32 -40.00
C HIS C 54 -16.41 27.79 -41.16
N GLY C 55 -16.52 27.17 -42.33
CA GLY C 55 -15.70 27.55 -43.45
C GLY C 55 -14.24 27.16 -43.27
N PHE C 56 -13.41 27.68 -44.17
CA PHE C 56 -11.99 27.43 -44.13
C PHE C 56 -11.34 28.36 -43.11
N ARG C 57 -10.52 27.77 -42.23
CA ARG C 57 -9.81 28.54 -41.23
C ARG C 57 -8.37 28.04 -41.15
N ARG C 58 -7.43 28.98 -41.00
CA ARG C 58 -6.03 28.65 -40.93
C ARG C 58 -5.43 29.23 -39.66
N LEU C 59 -4.64 28.42 -38.96
CA LEU C 59 -3.90 28.86 -37.79
C LEU C 59 -2.42 28.88 -38.19
N ALA C 60 -1.86 30.08 -38.29
CA ALA C 60 -0.49 30.28 -38.71
C ALA C 60 -0.02 31.67 -38.28
N PRO C 61 1.04 31.76 -37.47
CA PRO C 61 1.78 30.60 -36.98
C PRO C 61 1.04 29.93 -35.82
N VAL C 62 1.45 28.72 -35.48
CA VAL C 62 0.84 27.98 -34.38
C VAL C 62 1.89 27.83 -33.29
N GLN C 63 1.46 27.99 -32.04
CA GLN C 63 2.32 27.76 -30.89
C GLN C 63 2.37 26.25 -30.66
N ALA C 64 3.35 25.61 -31.30
CA ALA C 64 3.47 24.17 -31.35
C ALA C 64 4.69 23.71 -30.56
N TYR C 65 4.56 22.54 -29.92
CA TYR C 65 5.59 22.01 -29.04
C TYR C 65 5.80 20.53 -29.32
N HIS C 66 7.03 20.07 -29.14
CA HIS C 66 7.35 18.66 -29.24
C HIS C 66 7.29 17.95 -27.91
N SER C 67 7.44 18.68 -26.79
CA SER C 67 7.44 18.07 -25.47
C SER C 67 6.73 18.98 -24.49
N ALA C 68 5.96 18.37 -23.59
CA ALA C 68 5.18 19.11 -22.61
C ALA C 68 6.05 19.98 -21.72
N GLN C 69 7.34 19.61 -21.56
CA GLN C 69 8.25 20.36 -20.71
C GLN C 69 8.50 21.77 -21.24
N ASP C 70 8.46 21.92 -22.57
CA ASP C 70 8.67 23.23 -23.20
C ASP C 70 7.44 24.11 -23.14
N MET C 71 6.29 23.59 -22.69
CA MET C 71 5.04 24.33 -22.72
C MET C 71 4.92 25.27 -21.54
N PRO C 72 4.32 26.44 -21.73
CA PRO C 72 4.03 27.33 -20.61
C PRO C 72 2.93 26.75 -19.74
N PRO C 73 2.82 27.20 -18.49
CA PRO C 73 1.76 26.69 -17.62
C PRO C 73 0.39 27.15 -18.12
N CYS C 74 -0.48 26.18 -18.41
CA CYS C 74 -1.80 26.43 -18.95
C CYS C 74 -2.86 26.25 -17.88
N ASP C 75 -3.93 27.04 -17.98
CA ASP C 75 -5.01 26.96 -17.02
C ASP C 75 -6.06 25.92 -17.38
N TRP C 76 -6.26 25.68 -18.67
CA TRP C 76 -7.06 24.56 -19.16
C TRP C 76 -6.18 23.68 -20.03
N LEU C 77 -6.29 22.36 -19.84
CA LEU C 77 -5.55 21.39 -20.64
C LEU C 77 -6.57 20.51 -21.35
N LEU C 78 -6.70 20.70 -22.66
CA LEU C 78 -7.64 19.93 -23.47
C LEU C 78 -6.92 18.71 -24.00
N VAL C 79 -7.41 17.53 -23.64
CA VAL C 79 -6.79 16.27 -24.05
C VAL C 79 -7.56 15.76 -25.25
N GLY C 80 -6.94 15.85 -26.42
CA GLY C 80 -7.49 15.36 -27.67
C GLY C 80 -6.97 14.00 -28.08
N ALA C 81 -6.04 13.42 -27.31
CA ALA C 81 -5.53 12.11 -27.63
C ALA C 81 -6.62 11.04 -27.51
N LYS C 82 -6.36 9.89 -28.11
CA LYS C 82 -7.21 8.74 -27.93
C LYS C 82 -7.06 8.19 -26.53
N THR C 83 -8.11 7.51 -26.04
CA THR C 83 -8.07 6.95 -24.69
C THR C 83 -6.98 5.90 -24.53
N THR C 84 -6.47 5.36 -25.63
CA THR C 84 -5.42 4.35 -25.56
C THR C 84 -4.10 4.90 -25.02
N GLY C 85 -3.92 6.22 -25.01
CA GLY C 85 -2.67 6.79 -24.56
C GLY C 85 -2.78 7.54 -23.24
N ASN C 86 -3.86 7.28 -22.49
CA ASN C 86 -4.11 8.07 -21.29
C ASN C 86 -3.13 7.77 -20.17
N HIS C 87 -2.52 6.59 -20.16
N HIS C 87 -2.53 6.59 -20.13
CA HIS C 87 -1.58 6.26 -19.08
CA HIS C 87 -1.58 6.33 -19.05
C HIS C 87 -0.32 7.11 -19.17
C HIS C 87 -0.34 7.20 -19.18
N GLU C 88 0.25 7.24 -20.37
CA GLU C 88 1.42 8.09 -20.57
C GLU C 88 1.09 9.57 -20.54
N LEU C 89 -0.19 9.91 -20.37
CA LEU C 89 -0.66 11.28 -20.42
C LEU C 89 -0.28 12.06 -19.18
N ALA C 90 -0.44 11.43 -18.01
CA ALA C 90 -0.30 12.14 -16.73
C ALA C 90 0.97 12.97 -16.60
N PRO C 91 2.17 12.48 -16.97
CA PRO C 91 3.35 13.35 -16.86
C PRO C 91 3.29 14.55 -17.78
N LEU C 92 2.73 14.38 -18.97
CA LEU C 92 2.57 15.50 -19.90
C LEU C 92 1.61 16.54 -19.32
N ILE C 93 0.48 16.09 -18.80
CA ILE C 93 -0.48 16.98 -18.17
C ILE C 93 0.16 17.72 -17.00
N ARG C 94 0.91 16.99 -16.16
CA ARG C 94 1.54 17.60 -15.00
C ARG C 94 2.59 18.62 -15.43
N ALA C 95 3.34 18.32 -16.49
CA ALA C 95 4.37 19.24 -16.96
C ALA C 95 3.75 20.56 -17.42
N ALA C 96 2.59 20.49 -18.07
CA ALA C 96 2.02 21.66 -18.73
C ALA C 96 1.02 22.42 -17.87
N ALA C 97 0.72 21.94 -16.66
CA ALA C 97 -0.39 22.48 -15.88
C ALA C 97 0.08 23.65 -15.02
N ALA C 98 -0.67 24.74 -15.07
CA ALA C 98 -0.55 25.78 -14.07
C ALA C 98 -1.14 25.28 -12.74
N PRO C 99 -0.84 25.95 -11.63
CA PRO C 99 -1.47 25.56 -10.35
C PRO C 99 -2.99 25.55 -10.47
N GLY C 100 -3.60 24.45 -10.02
CA GLY C 100 -5.04 24.33 -10.10
C GLY C 100 -5.61 24.32 -11.51
N ALA C 101 -4.85 23.81 -12.47
CA ALA C 101 -5.34 23.76 -13.85
C ALA C 101 -6.56 22.84 -13.95
N LYS C 102 -7.29 23.00 -15.05
CA LYS C 102 -8.46 22.19 -15.37
C LYS C 102 -8.10 21.25 -16.50
N VAL C 103 -8.23 19.94 -16.26
CA VAL C 103 -7.96 18.91 -17.27
C VAL C 103 -9.28 18.46 -17.86
N LEU C 104 -9.43 18.60 -19.17
CA LEU C 104 -10.68 18.31 -19.86
C LEU C 104 -10.41 17.21 -20.88
N LEU C 105 -10.99 16.03 -20.65
CA LEU C 105 -10.79 14.88 -21.53
C LEU C 105 -11.84 14.90 -22.64
N LEU C 106 -11.45 15.38 -23.82
CA LEU C 106 -12.33 15.37 -24.99
C LEU C 106 -12.29 13.98 -25.63
N GLN C 107 -12.81 13.01 -24.90
CA GLN C 107 -12.61 11.60 -25.21
C GLN C 107 -13.91 10.84 -25.04
N ASN C 108 -14.08 9.79 -25.84
CA ASN C 108 -15.25 8.93 -25.77
C ASN C 108 -14.98 7.78 -24.80
N GLY C 109 -15.98 6.92 -24.63
CA GLY C 109 -15.86 5.77 -23.75
C GLY C 109 -16.47 6.02 -22.38
N LEU C 110 -16.19 5.08 -21.47
CA LEU C 110 -16.75 5.08 -20.12
C LEU C 110 -15.63 4.88 -19.10
N GLY C 111 -15.75 5.55 -17.96
CA GLY C 111 -14.78 5.41 -16.88
C GLY C 111 -13.43 6.02 -17.17
N VAL C 112 -13.35 6.92 -18.15
CA VAL C 112 -12.07 7.47 -18.58
C VAL C 112 -11.42 8.29 -17.47
N GLU C 113 -12.19 9.20 -16.86
CA GLU C 113 -11.65 10.06 -15.82
C GLU C 113 -11.19 9.23 -14.62
N GLU C 114 -11.98 8.22 -14.25
CA GLU C 114 -11.66 7.39 -13.09
C GLU C 114 -10.31 6.71 -13.22
N ARG C 115 -9.96 6.28 -14.45
CA ARG C 115 -8.72 5.56 -14.66
C ARG C 115 -7.51 6.51 -14.74
N LEU C 116 -7.73 7.78 -15.05
CA LEU C 116 -6.65 8.75 -15.08
C LEU C 116 -6.40 9.41 -13.73
N ARG C 117 -7.48 9.65 -12.97
CA ARG C 117 -7.38 10.38 -11.70
C ARG C 117 -6.27 9.90 -10.76
N PRO C 118 -6.02 8.59 -10.57
CA PRO C 118 -4.95 8.20 -9.63
C PRO C 118 -3.59 8.79 -9.96
N LEU C 119 -3.33 9.17 -11.21
CA LEU C 119 -2.05 9.66 -11.64
C LEU C 119 -1.98 11.19 -11.68
N LEU C 120 -3.07 11.87 -11.36
CA LEU C 120 -3.12 13.32 -11.42
C LEU C 120 -3.10 13.90 -10.02
N PRO C 121 -2.29 14.92 -9.76
CA PRO C 121 -2.25 15.52 -8.42
C PRO C 121 -3.61 16.07 -8.01
N GLU C 122 -3.94 15.93 -6.73
CA GLU C 122 -5.25 16.35 -6.23
C GLU C 122 -5.55 17.82 -6.49
N SER C 123 -4.52 18.64 -6.70
CA SER C 123 -4.74 20.07 -6.93
C SER C 123 -5.33 20.36 -8.29
N LEU C 124 -5.37 19.38 -9.20
CA LEU C 124 -5.88 19.59 -10.55
C LEU C 124 -7.33 19.11 -10.65
N HIS C 125 -8.15 19.90 -11.33
CA HIS C 125 -9.53 19.50 -11.62
C HIS C 125 -9.56 18.59 -12.84
N LEU C 126 -10.44 17.60 -12.81
CA LEU C 126 -10.56 16.63 -13.89
C LEU C 126 -11.98 16.66 -14.43
N LEU C 127 -12.11 16.97 -15.72
CA LEU C 127 -13.41 17.09 -16.35
C LEU C 127 -13.46 16.19 -17.59
N GLY C 128 -14.68 15.85 -17.99
CA GLY C 128 -14.90 15.10 -19.22
C GLY C 128 -15.64 15.97 -20.23
N GLY C 129 -15.29 15.81 -21.50
CA GLY C 129 -15.98 16.50 -22.57
C GLY C 129 -16.45 15.53 -23.63
N LEU C 130 -17.76 15.36 -23.76
CA LEU C 130 -18.32 14.49 -24.78
C LEU C 130 -18.63 15.36 -26.00
N CYS C 131 -17.84 15.17 -27.05
CA CYS C 131 -17.96 15.92 -28.28
C CYS C 131 -18.80 15.11 -29.25
N PHE C 132 -19.88 15.72 -29.75
N PHE C 132 -19.91 15.68 -29.71
CA PHE C 132 -20.68 15.14 -30.82
CA PHE C 132 -20.66 15.12 -30.83
C PHE C 132 -20.28 15.87 -32.10
C PHE C 132 -20.23 15.88 -32.07
N ILE C 133 -19.36 15.27 -32.87
CA ILE C 133 -18.71 15.98 -33.96
C ILE C 133 -18.26 14.96 -35.01
N CYS C 134 -18.43 15.32 -36.28
CA CYS C 134 -17.89 14.57 -37.41
C CYS C 134 -16.62 15.28 -37.87
N VAL C 135 -15.47 14.70 -37.53
CA VAL C 135 -14.19 15.31 -37.87
C VAL C 135 -13.15 14.22 -38.03
N HIS C 136 -12.21 14.45 -38.96
CA HIS C 136 -11.09 13.55 -39.15
C HIS C 136 -9.92 14.33 -39.73
N ARG C 137 -8.75 13.71 -39.72
CA ARG C 137 -7.55 14.32 -40.28
C ARG C 137 -7.50 14.06 -41.78
N GLY C 138 -7.26 15.12 -42.55
CA GLY C 138 -6.97 14.96 -43.95
C GLY C 138 -5.48 14.73 -44.14
N GLU C 139 -4.83 15.59 -44.92
CA GLU C 139 -3.37 15.60 -45.00
C GLU C 139 -2.83 16.20 -43.70
N PRO C 140 -1.52 16.08 -43.45
CA PRO C 140 -0.97 16.65 -42.20
C PRO C 140 -1.30 18.13 -42.09
N GLY C 141 -1.73 18.53 -40.90
CA GLY C 141 -2.12 19.90 -40.64
C GLY C 141 -3.50 20.28 -41.12
N VAL C 142 -4.26 19.38 -41.73
CA VAL C 142 -5.57 19.67 -42.27
C VAL C 142 -6.62 18.90 -41.46
N ILE C 143 -7.60 19.63 -40.95
CA ILE C 143 -8.71 19.08 -40.18
C ILE C 143 -9.95 19.12 -41.07
N GLU C 144 -10.55 17.96 -41.31
CA GLU C 144 -11.76 17.86 -42.12
C GLU C 144 -12.98 17.78 -41.20
N HIS C 145 -13.73 18.87 -41.12
CA HIS C 145 -14.90 18.95 -40.25
C HIS C 145 -16.16 18.91 -41.11
N GLN C 146 -16.94 17.83 -40.98
CA GLN C 146 -18.12 17.66 -41.83
C GLN C 146 -19.41 18.19 -41.20
N ALA C 147 -19.57 18.06 -39.88
CA ALA C 147 -20.85 18.38 -39.25
C ALA C 147 -20.69 18.43 -37.73
N TYR C 148 -21.69 19.00 -37.07
CA TYR C 148 -21.85 19.04 -35.62
C TYR C 148 -20.62 19.73 -34.99
N GLY C 149 -20.32 19.41 -33.74
CA GLY C 149 -19.18 20.00 -33.05
C GLY C 149 -19.43 20.34 -31.59
N GLY C 150 -20.65 20.10 -31.11
CA GLY C 150 -20.99 20.45 -29.74
C GLY C 150 -20.24 19.61 -28.72
N VAL C 151 -20.00 20.20 -27.55
CA VAL C 151 -19.29 19.55 -26.45
C VAL C 151 -20.14 19.67 -25.19
N ASN C 152 -20.47 18.54 -24.58
CA ASN C 152 -21.14 18.51 -23.29
C ASN C 152 -20.10 18.22 -22.21
N LEU C 153 -19.94 19.16 -21.28
CA LEU C 153 -18.91 19.09 -20.24
C LEU C 153 -19.49 18.56 -18.94
N GLY C 154 -18.67 17.83 -18.19
CA GLY C 154 -19.04 17.38 -16.87
C GLY C 154 -17.86 17.31 -15.93
N TYR C 155 -18.09 17.61 -14.65
CA TYR C 155 -17.03 17.60 -13.65
C TYR C 155 -16.89 16.21 -13.06
N HIS C 156 -15.65 15.71 -12.98
CA HIS C 156 -15.42 14.41 -12.36
C HIS C 156 -14.89 14.52 -10.93
N SER C 157 -13.76 15.20 -10.76
CA SER C 157 -13.04 15.18 -9.49
C SER C 157 -12.14 16.40 -9.39
N GLY C 158 -11.82 16.78 -8.16
CA GLY C 158 -10.88 17.84 -7.92
C GLY C 158 -11.13 18.57 -6.61
N PRO C 159 -10.39 19.67 -6.40
CA PRO C 159 -10.47 20.42 -5.15
C PRO C 159 -11.49 21.56 -5.18
N ALA C 160 -12.72 21.25 -5.59
CA ALA C 160 -13.76 22.26 -5.73
C ALA C 160 -15.01 21.85 -4.96
N ASP C 161 -15.62 22.82 -4.27
CA ASP C 161 -16.91 22.56 -3.64
C ASP C 161 -18.00 22.51 -4.71
N GLU C 162 -19.23 22.26 -4.28
CA GLU C 162 -20.33 22.09 -5.21
C GLU C 162 -20.54 23.33 -6.08
N ARG C 163 -20.47 24.52 -5.48
CA ARG C 163 -20.65 25.74 -6.26
C ARG C 163 -19.51 25.94 -7.25
N ARG C 164 -18.28 25.75 -6.79
CA ARG C 164 -17.12 25.92 -7.67
C ARG C 164 -17.11 24.90 -8.79
N ARG C 165 -17.63 23.70 -8.53
CA ARG C 165 -17.71 22.69 -9.58
C ARG C 165 -18.62 23.15 -10.72
N ARG C 166 -19.84 23.58 -10.39
CA ARG C 166 -20.74 24.10 -11.41
C ARG C 166 -20.11 25.27 -12.13
N GLU C 167 -19.41 26.13 -11.38
CA GLU C 167 -18.74 27.29 -11.96
C GLU C 167 -17.71 26.86 -13.00
N ILE C 168 -16.87 25.89 -12.64
CA ILE C 168 -15.80 25.47 -13.55
C ILE C 168 -16.38 24.85 -14.81
N VAL C 169 -17.42 24.03 -14.68
CA VAL C 169 -18.04 23.44 -15.86
C VAL C 169 -18.64 24.52 -16.75
N GLU C 170 -19.28 25.52 -16.14
CA GLU C 170 -19.82 26.64 -16.93
C GLU C 170 -18.71 27.41 -17.63
N GLU C 171 -17.59 27.63 -16.93
CA GLU C 171 -16.47 28.33 -17.55
C GLU C 171 -15.96 27.58 -18.78
N GLY C 172 -15.80 26.26 -18.66
CA GLY C 172 -15.39 25.48 -19.82
C GLY C 172 -16.41 25.54 -20.94
N ALA C 173 -17.69 25.37 -20.59
CA ALA C 173 -18.74 25.48 -21.60
C ALA C 173 -18.73 26.85 -22.27
N ALA C 174 -18.42 27.89 -21.50
CA ALA C 174 -18.38 29.25 -22.04
C ALA C 174 -17.26 29.40 -23.07
N LEU C 175 -16.09 28.81 -22.79
CA LEU C 175 -14.98 28.86 -23.75
C LEU C 175 -15.42 28.41 -25.14
N PHE C 176 -16.13 27.28 -25.20
CA PHE C 176 -16.57 26.77 -26.50
C PHE C 176 -17.69 27.64 -27.07
N ARG C 177 -18.66 28.03 -26.24
CA ARG C 177 -19.74 28.89 -26.72
C ARG C 177 -19.20 30.20 -27.29
N GLU C 178 -18.26 30.82 -26.58
CA GLU C 178 -17.64 32.06 -27.06
C GLU C 178 -16.82 31.86 -28.33
N SER C 179 -16.56 30.62 -28.73
CA SER C 179 -15.80 30.32 -29.94
C SER C 179 -16.70 29.91 -31.10
N GLY C 180 -18.01 30.05 -30.94
CA GLY C 180 -18.93 29.67 -31.99
C GLY C 180 -19.37 28.23 -31.96
N LEU C 181 -19.21 27.52 -30.85
CA LEU C 181 -19.55 26.12 -30.74
C LEU C 181 -20.69 25.92 -29.74
N GLU C 182 -21.50 24.90 -30.00
CA GLU C 182 -22.49 24.43 -29.04
C GLU C 182 -21.80 23.83 -27.84
N SER C 183 -22.26 24.18 -26.63
CA SER C 183 -21.71 23.56 -25.44
C SER C 183 -22.71 23.63 -24.31
N THR C 184 -22.79 22.55 -23.54
CA THR C 184 -23.74 22.40 -22.44
C THR C 184 -23.01 21.89 -21.21
N ALA C 185 -23.22 22.56 -20.07
CA ALA C 185 -22.72 22.07 -18.79
C ALA C 185 -23.63 20.97 -18.28
N MET C 186 -23.13 19.75 -18.19
CA MET C 186 -23.92 18.61 -17.75
C MET C 186 -23.86 18.45 -16.24
N PRO C 187 -24.98 18.10 -15.61
CA PRO C 187 -24.98 17.89 -14.15
C PRO C 187 -24.31 16.59 -13.74
N ASP C 188 -24.21 15.61 -14.63
CA ASP C 188 -23.75 14.27 -14.29
C ASP C 188 -22.87 13.77 -15.43
N LEU C 189 -21.56 13.69 -15.19
CA LEU C 189 -20.63 13.28 -16.24
C LEU C 189 -20.85 11.83 -16.64
N GLU C 190 -20.99 10.94 -15.66
CA GLU C 190 -21.18 9.53 -15.97
C GLU C 190 -22.45 9.30 -16.79
N GLN C 191 -23.53 10.00 -16.44
CA GLN C 191 -24.74 9.95 -17.24
C GLN C 191 -24.47 10.41 -18.68
N ALA C 192 -23.69 11.48 -18.83
CA ALA C 192 -23.37 11.98 -20.17
C ALA C 192 -22.54 10.97 -20.94
N ARG C 193 -21.63 10.25 -20.26
CA ARG C 193 -20.81 9.26 -20.94
C ARG C 193 -21.65 8.08 -21.42
N TRP C 194 -22.62 7.64 -20.61
CA TRP C 194 -23.52 6.59 -21.05
C TRP C 194 -24.32 7.00 -22.28
N GLN C 195 -24.68 8.29 -22.38
CA GLN C 195 -25.46 8.76 -23.52
C GLN C 195 -24.62 8.69 -24.80
N LYS C 196 -23.39 9.19 -24.77
CA LYS C 196 -22.55 9.14 -25.96
C LYS C 196 -22.20 7.71 -26.34
N LEU C 197 -22.16 6.79 -25.36
CA LEU C 197 -21.91 5.38 -25.67
C LEU C 197 -22.97 4.80 -26.59
N VAL C 198 -24.22 5.24 -26.42
CA VAL C 198 -25.31 4.74 -27.26
C VAL C 198 -25.00 4.99 -28.73
N TRP C 199 -24.24 6.04 -29.04
CA TRP C 199 -23.86 6.26 -30.44
C TRP C 199 -22.57 5.52 -30.80
N ASN C 200 -21.52 5.63 -29.98
CA ASN C 200 -20.22 5.12 -30.37
C ASN C 200 -20.22 3.59 -30.45
N ILE C 201 -20.90 2.91 -29.51
CA ILE C 201 -20.84 1.45 -29.47
C ILE C 201 -21.33 0.82 -30.76
N PRO C 202 -22.54 1.15 -31.29
CA PRO C 202 -22.93 0.57 -32.59
C PRO C 202 -22.10 1.09 -33.76
N TYR C 203 -21.98 2.42 -33.90
CA TYR C 203 -21.47 2.97 -35.14
C TYR C 203 -19.96 2.78 -35.29
N ASN C 204 -19.19 3.02 -34.21
CA ASN C 204 -17.75 2.79 -34.30
C ASN C 204 -17.44 1.35 -34.69
N GLY C 205 -17.98 0.40 -33.94
CA GLY C 205 -17.66 -1.00 -34.17
C GLY C 205 -18.18 -1.54 -35.49
N LEU C 206 -19.43 -1.22 -35.83
CA LEU C 206 -20.00 -1.74 -37.08
C LEU C 206 -19.35 -1.13 -38.31
N SER C 207 -18.88 0.11 -38.20
CA SER C 207 -18.17 0.71 -39.33
C SER C 207 -16.90 -0.07 -39.64
N VAL C 208 -16.22 -0.56 -38.61
CA VAL C 208 -15.06 -1.43 -38.84
C VAL C 208 -15.53 -2.82 -39.30
N LEU C 209 -16.46 -3.41 -38.56
CA LEU C 209 -16.86 -4.79 -38.81
C LEU C 209 -17.47 -4.94 -40.20
N LEU C 210 -18.37 -4.04 -40.57
CA LEU C 210 -19.04 -4.10 -41.86
C LEU C 210 -18.34 -3.27 -42.93
N LYS C 211 -17.18 -2.70 -42.62
CA LYS C 211 -16.38 -1.93 -43.57
C LYS C 211 -17.23 -0.87 -44.28
N SER C 212 -17.95 -0.08 -43.49
CA SER C 212 -18.94 0.82 -44.06
C SER C 212 -19.00 2.11 -43.26
N SER C 213 -19.71 3.08 -43.79
CA SER C 213 -19.89 4.40 -43.20
C SER C 213 -21.34 4.54 -42.73
N THR C 214 -21.68 5.73 -42.24
CA THR C 214 -22.98 5.90 -41.60
C THR C 214 -24.13 5.80 -42.61
N ALA C 215 -23.95 6.35 -43.81
CA ALA C 215 -25.05 6.36 -44.77
C ALA C 215 -25.46 4.96 -45.20
N PRO C 216 -24.57 4.09 -45.67
CA PRO C 216 -25.03 2.72 -46.00
C PRO C 216 -25.59 1.98 -44.80
N LEU C 217 -25.02 2.20 -43.61
CA LEU C 217 -25.53 1.51 -42.41
C LEU C 217 -26.96 1.94 -42.10
N MET C 218 -27.29 3.21 -42.34
CA MET C 218 -28.66 3.67 -42.09
C MET C 218 -29.58 3.32 -43.25
N ALA C 219 -29.04 3.17 -44.45
CA ALA C 219 -29.87 2.88 -45.62
C ALA C 219 -30.36 1.44 -45.63
N ASN C 220 -29.64 0.52 -44.98
CA ASN C 220 -29.98 -0.89 -45.06
C ASN C 220 -30.84 -1.29 -43.87
N ALA C 221 -31.94 -2.01 -44.15
CA ALA C 221 -32.91 -2.32 -43.11
C ALA C 221 -32.34 -3.22 -42.03
N ASP C 222 -31.45 -4.14 -42.42
CA ASP C 222 -30.90 -5.08 -41.43
C ASP C 222 -29.86 -4.42 -40.55
N SER C 223 -28.96 -3.63 -41.15
CA SER C 223 -27.99 -2.91 -40.34
C SER C 223 -28.67 -1.87 -39.45
N ARG C 224 -29.71 -1.23 -39.97
CA ARG C 224 -30.45 -0.26 -39.16
C ARG C 224 -31.11 -0.94 -37.97
N SER C 225 -31.77 -2.08 -38.21
CA SER C 225 -32.36 -2.86 -37.12
C SER C 225 -31.31 -3.29 -36.10
N LEU C 226 -30.15 -3.74 -36.59
CA LEU C 226 -29.07 -4.12 -35.68
C LEU C 226 -28.59 -2.95 -34.83
N ILE C 227 -28.47 -1.77 -35.45
CA ILE C 227 -28.00 -0.60 -34.71
C ILE C 227 -28.98 -0.27 -33.58
N GLU C 228 -30.28 -0.31 -33.87
CA GLU C 228 -31.29 -0.04 -32.84
C GLU C 228 -31.21 -1.04 -31.70
N ALA C 229 -31.05 -2.33 -32.01
CA ALA C 229 -30.99 -3.34 -30.96
C ALA C 229 -29.76 -3.17 -30.08
N ILE C 230 -28.63 -2.78 -30.67
CA ILE C 230 -27.44 -2.49 -29.89
C ILE C 230 -27.65 -1.26 -29.02
N MET C 231 -28.31 -0.23 -29.57
CA MET C 231 -28.62 0.95 -28.78
C MET C 231 -29.45 0.59 -27.55
N GLU C 232 -30.43 -0.30 -27.73
CA GLU C 232 -31.27 -0.69 -26.59
C GLU C 232 -30.50 -1.50 -25.56
N GLU C 233 -29.49 -2.26 -26.00
CA GLU C 233 -28.61 -2.93 -25.04
C GLU C 233 -27.85 -1.92 -24.19
N VAL C 234 -27.32 -0.87 -24.81
CA VAL C 234 -26.56 0.14 -24.06
C VAL C 234 -27.47 0.91 -23.13
N ILE C 235 -28.65 1.30 -23.60
CA ILE C 235 -29.62 1.99 -22.75
C ILE C 235 -30.03 1.11 -21.58
N GLY C 236 -30.23 -0.18 -21.84
CA GLY C 236 -30.55 -1.10 -20.75
C GLY C 236 -29.39 -1.27 -19.77
N ALA C 237 -28.17 -1.33 -20.30
CA ALA C 237 -27.00 -1.44 -19.44
C ALA C 237 -26.88 -0.21 -18.53
N ALA C 238 -27.04 0.98 -19.10
CA ALA C 238 -27.00 2.20 -18.30
C ALA C 238 -28.07 2.17 -17.22
N GLY C 239 -29.27 1.69 -17.56
CA GLY C 239 -30.34 1.60 -16.58
C GLY C 239 -30.02 0.64 -15.45
N ALA C 240 -29.47 -0.52 -15.78
CA ALA C 240 -29.09 -1.46 -14.73
C ALA C 240 -28.01 -0.88 -13.84
N CYS C 241 -27.23 0.06 -14.35
CA CYS C 241 -26.17 0.68 -13.58
C CYS C 241 -26.66 1.95 -12.87
N GLY C 242 -27.95 2.25 -12.96
CA GLY C 242 -28.55 3.35 -12.23
C GLY C 242 -28.72 4.65 -12.99
N PHE C 243 -28.66 4.62 -14.33
CA PHE C 243 -28.75 5.82 -15.14
C PHE C 243 -29.90 5.68 -16.12
N ILE C 244 -30.92 6.51 -15.98
CA ILE C 244 -32.04 6.51 -16.91
C ILE C 244 -31.75 7.53 -18.00
N LEU C 245 -31.70 7.05 -19.24
CA LEU C 245 -31.45 7.91 -20.38
C LEU C 245 -32.75 8.55 -20.86
N PRO C 246 -32.66 9.61 -21.67
CA PRO C 246 -33.87 10.32 -22.09
C PRO C 246 -34.84 9.42 -22.85
N GLU C 247 -36.09 9.90 -22.93
CA GLU C 247 -37.14 9.19 -23.65
C GLU C 247 -36.82 9.12 -25.14
N GLY C 248 -36.93 7.91 -25.70
CA GLY C 248 -36.68 7.73 -27.13
C GLY C 248 -35.29 8.17 -27.54
N TYR C 249 -34.29 7.93 -26.68
CA TYR C 249 -32.95 8.38 -26.99
C TYR C 249 -32.40 7.72 -28.24
N ALA C 250 -32.68 6.42 -28.42
CA ALA C 250 -32.22 5.75 -29.62
C ALA C 250 -32.82 6.39 -30.88
N ASP C 251 -34.11 6.74 -30.82
CA ASP C 251 -34.75 7.37 -31.96
C ASP C 251 -34.12 8.72 -32.30
N GLN C 252 -33.72 9.49 -31.29
CA GLN C 252 -33.08 10.78 -31.56
C GLN C 252 -31.71 10.59 -32.19
N LEU C 253 -30.95 9.60 -31.71
CA LEU C 253 -29.63 9.34 -32.28
C LEU C 253 -29.75 8.80 -33.70
N LEU C 254 -30.80 8.01 -33.97
CA LEU C 254 -31.00 7.52 -35.34
C LEU C 254 -31.33 8.67 -36.28
N ALA C 255 -32.13 9.63 -35.82
CA ALA C 255 -32.52 10.75 -36.68
C ALA C 255 -31.34 11.66 -36.95
N ALA C 256 -30.58 12.02 -35.91
CA ALA C 256 -29.38 12.82 -36.11
C ALA C 256 -28.39 12.13 -37.05
N THR C 257 -28.35 10.80 -37.02
CA THR C 257 -27.46 10.07 -37.92
C THR C 257 -28.03 9.98 -39.33
N GLU C 258 -29.35 9.92 -39.48
CA GLU C 258 -29.91 9.99 -40.82
C GLU C 258 -29.66 11.35 -41.45
N ARG C 259 -29.73 12.42 -40.66
CA ARG C 259 -29.41 13.76 -41.14
C ARG C 259 -27.92 14.06 -41.15
N MET C 260 -27.08 13.08 -40.81
CA MET C 260 -25.63 13.23 -40.81
C MET C 260 -25.07 12.93 -42.20
N PRO C 261 -24.11 13.71 -42.70
CA PRO C 261 -23.45 13.34 -43.95
C PRO C 261 -22.74 12.00 -43.79
N ASP C 262 -22.44 11.36 -44.92
CA ASP C 262 -21.76 10.08 -44.88
C ASP C 262 -20.44 10.21 -44.13
N TYR C 263 -20.30 9.48 -43.03
CA TYR C 263 -19.20 9.73 -42.10
C TYR C 263 -18.57 8.42 -41.62
N ARG C 264 -17.25 8.42 -41.58
CA ARG C 264 -16.48 7.31 -41.05
C ARG C 264 -16.10 7.63 -39.60
N PRO C 265 -16.56 6.85 -38.63
CA PRO C 265 -16.13 7.08 -37.25
C PRO C 265 -14.62 6.94 -37.09
N SER C 266 -14.12 7.52 -35.99
CA SER C 266 -12.68 7.50 -35.74
C SER C 266 -12.11 6.09 -35.69
N MET C 267 -12.90 5.12 -35.21
CA MET C 267 -12.42 3.74 -35.14
C MET C 267 -12.22 3.14 -36.52
N TYR C 268 -12.99 3.58 -37.51
CA TYR C 268 -12.74 3.17 -38.89
C TYR C 268 -11.34 3.58 -39.33
N HIS C 269 -10.98 4.85 -39.11
CA HIS C 269 -9.66 5.32 -39.51
C HIS C 269 -8.56 4.62 -38.72
N ASP C 270 -8.79 4.39 -37.42
CA ASP C 270 -7.81 3.68 -36.60
C ASP C 270 -7.49 2.30 -37.18
N PHE C 271 -8.53 1.55 -37.54
CA PHE C 271 -8.30 0.22 -38.11
C PHE C 271 -7.64 0.31 -39.47
N ALA C 272 -8.02 1.30 -40.27
CA ALA C 272 -7.46 1.41 -41.62
C ALA C 272 -5.98 1.75 -41.59
N HIS C 273 -5.56 2.60 -40.66
CA HIS C 273 -4.17 2.97 -40.51
C HIS C 273 -3.42 2.08 -39.51
N GLY C 274 -4.05 1.01 -39.05
CA GLY C 274 -3.38 0.07 -38.15
C GLY C 274 -3.12 0.60 -36.75
N ARG C 275 -3.82 1.65 -36.34
CA ARG C 275 -3.62 2.18 -35.00
C ARG C 275 -4.46 1.41 -33.99
N PRO C 276 -4.01 1.33 -32.74
CA PRO C 276 -4.80 0.61 -31.73
C PRO C 276 -6.20 1.19 -31.60
N LEU C 277 -7.18 0.30 -31.47
CA LEU C 277 -8.57 0.68 -31.35
C LEU C 277 -8.92 0.97 -29.89
N GLU C 278 -9.88 1.88 -29.70
CA GLU C 278 -10.29 2.29 -28.36
C GLU C 278 -11.28 1.29 -27.76
N LEU C 279 -10.99 0.00 -27.85
CA LEU C 279 -11.92 -1.02 -27.38
C LEU C 279 -12.08 -0.98 -25.87
N ALA C 280 -11.01 -0.69 -25.13
CA ALA C 280 -11.08 -0.75 -23.67
C ALA C 280 -12.09 0.25 -23.12
N ALA C 281 -12.04 1.50 -23.58
CA ALA C 281 -12.92 2.51 -23.00
C ALA C 281 -14.34 2.43 -23.56
N ILE C 282 -14.48 2.09 -24.84
CA ILE C 282 -15.80 2.12 -25.47
C ILE C 282 -16.57 0.80 -25.29
N TYR C 283 -15.88 -0.34 -25.24
CA TYR C 283 -16.55 -1.64 -25.14
C TYR C 283 -16.26 -2.37 -23.83
N ALA C 284 -14.99 -2.60 -23.49
CA ALA C 284 -14.68 -3.42 -22.32
C ALA C 284 -15.25 -2.80 -21.04
N ALA C 285 -15.08 -1.50 -20.85
CA ALA C 285 -15.58 -0.86 -19.63
C ALA C 285 -17.08 -0.93 -19.49
N PRO C 286 -17.91 -0.56 -20.48
CA PRO C 286 -19.36 -0.73 -20.30
C PRO C 286 -19.77 -2.18 -20.08
N LEU C 287 -19.14 -3.11 -20.79
CA LEU C 287 -19.45 -4.52 -20.61
C LEU C 287 -19.15 -4.98 -19.19
N ALA C 288 -18.02 -4.55 -18.63
CA ALA C 288 -17.68 -4.89 -17.25
C ALA C 288 -18.68 -4.30 -16.26
N ARG C 289 -19.00 -3.01 -16.42
CA ARG C 289 -19.99 -2.39 -15.52
C ARG C 289 -21.34 -3.10 -15.61
N ALA C 290 -21.81 -3.32 -16.84
CA ALA C 290 -23.10 -3.99 -17.01
C ALA C 290 -23.10 -5.37 -16.36
N ALA C 291 -22.01 -6.12 -16.53
CA ALA C 291 -21.96 -7.48 -15.99
C ALA C 291 -22.02 -7.47 -14.47
N ALA C 292 -21.29 -6.55 -13.83
CA ALA C 292 -21.31 -6.43 -12.38
C ALA C 292 -22.70 -6.11 -11.87
N ALA C 293 -23.52 -5.46 -12.69
CA ALA C 293 -24.90 -5.18 -12.32
C ALA C 293 -25.85 -6.29 -12.77
N GLY C 294 -25.32 -7.44 -13.19
CA GLY C 294 -26.15 -8.54 -13.61
C GLY C 294 -26.83 -8.35 -14.95
N TYR C 295 -26.34 -7.42 -15.75
CA TYR C 295 -26.95 -7.10 -17.04
C TYR C 295 -25.99 -7.51 -18.15
N ARG C 296 -26.47 -8.32 -19.08
CA ARG C 296 -25.64 -8.76 -20.20
C ARG C 296 -26.08 -8.06 -21.48
N MET C 297 -25.10 -7.75 -22.33
CA MET C 297 -25.28 -7.10 -23.62
C MET C 297 -24.72 -8.04 -24.68
N PRO C 298 -25.47 -9.06 -25.08
CA PRO C 298 -24.91 -10.09 -25.97
C PRO C 298 -24.43 -9.56 -27.31
N ARG C 299 -25.19 -8.68 -27.97
CA ARG C 299 -24.72 -8.12 -29.23
C ARG C 299 -23.47 -7.28 -29.04
N VAL C 300 -23.44 -6.45 -27.99
CA VAL C 300 -22.26 -5.64 -27.71
C VAL C 300 -21.06 -6.52 -27.38
N GLU C 301 -21.28 -7.54 -26.55
CA GLU C 301 -20.22 -8.47 -26.22
C GLU C 301 -19.66 -9.14 -27.48
N ALA C 302 -20.54 -9.59 -28.38
CA ALA C 302 -20.10 -10.25 -29.59
C ALA C 302 -19.36 -9.28 -30.52
N LEU C 303 -19.87 -8.05 -30.63
CA LEU C 303 -19.19 -7.04 -31.44
C LEU C 303 -17.78 -6.79 -30.91
N HIS C 304 -17.64 -6.66 -29.59
CA HIS C 304 -16.32 -6.47 -28.98
C HIS C 304 -15.38 -7.62 -29.34
N GLN C 305 -15.85 -8.86 -29.18
CA GLN C 305 -15.02 -10.00 -29.53
C GLN C 305 -14.60 -9.96 -31.00
N ALA C 306 -15.55 -9.65 -31.89
CA ALA C 306 -15.21 -9.56 -33.31
C ALA C 306 -14.13 -8.50 -33.55
N LEU C 307 -14.24 -7.35 -32.88
CA LEU C 307 -13.25 -6.30 -33.06
C LEU C 307 -11.90 -6.71 -32.50
N ARG C 308 -11.88 -7.37 -31.34
CA ARG C 308 -10.61 -7.87 -30.81
C ARG C 308 -10.00 -8.88 -31.77
N PHE C 309 -10.83 -9.76 -32.36
CA PHE C 309 -10.32 -10.69 -33.37
C PHE C 309 -9.67 -9.95 -34.53
N LEU C 310 -10.40 -8.99 -35.12
CA LEU C 310 -9.87 -8.30 -36.29
C LEU C 310 -8.59 -7.56 -35.97
N GLU C 311 -8.50 -6.96 -34.78
CA GLU C 311 -7.30 -6.21 -34.41
C GLU C 311 -6.09 -7.14 -34.27
N ALA C 312 -6.30 -8.41 -33.94
CA ALA C 312 -5.20 -9.34 -33.76
C ALA C 312 -4.73 -9.99 -35.07
N GLN C 313 -5.50 -9.86 -36.14
CA GLN C 313 -5.18 -10.46 -37.43
C GLN C 313 -4.05 -9.70 -38.13
N PRO C 314 -3.41 -10.30 -39.16
CA PRO C 314 -2.33 -9.74 -39.98
C PRO C 314 -2.06 -8.25 -39.84
#